data_8TZY
#
_entry.id   8TZY
#
_cell.length_a   1.00
_cell.length_b   1.00
_cell.length_c   1.00
_cell.angle_alpha   90.00
_cell.angle_beta   90.00
_cell.angle_gamma   90.00
#
_symmetry.space_group_name_H-M   'P 1'
#
loop_
_entity.id
_entity.type
_entity.pdbx_description
1 polymer 'CBH4B Heavy chain'
2 polymer 'CBH4B Light chain'
3 polymer 'envelope glycoprotein E2'
#
loop_
_entity_poly.entity_id
_entity_poly.type
_entity_poly.pdbx_seq_one_letter_code
_entity_poly.pdbx_strand_id
1 'polypeptide(L)'
;MDWTWRFLFVVAAATVQSQIQLVQSGAEVKKPGSSVKVSCRASGGSFGTYGITWVRQAPGQGLEWVGGIVPLFDRPNYAQ
KFQDRVAITADESTSTAYMELSSLRFDDTAVYYCAREADIVVGGSSYFDSWGQGTLVTVTKGPSVFPLAPSSKSTSGGTA
ALGCLVKDYFPEPVTVSWNSGALTSGVHTFPAVLQSSGLYSLSSVVTVPSSSLGTQTYICNVNHKPSNTKVDKRVEPKSC
DKTAGWSHPQFEK
;
A,D
2 'polypeptide(L)'
;METPAQLLFLLLLWLPTTGESVLTQSPGTLSLSPGERATLSCRASQSVSSTYVAWYQQKPGQAPRLLIYDASIRATGVPD
RFSGGGSGTDFTLTISRLEPEDFAVYYCQQYGGSPFFGGGTKVEIKRTVAAPSVFIFPPSDEQLKSGTASVVCLLNNFYP
REAKVQWKVDNALQSGNSQESVTEQDSKDSTYSLSSTLTLSKADYEKHKVYACEVTHQGLSSPVTKSFNRGEC
;
B,E
3 'polypeptide(L)'
;METDTLLLWVLLLWVPGSTGDSTHVTGGTASHTTRHFASLFSSGASQRVQLINTNGSWHINRTALNCNDSLHTGFLAALF
YTHKFNASGCPERMAHCRPIDEFAQGWGPITYAEGHGSDQRPYCWHYAPRQCGTIPASQVCGPVYCFTPSPVVVGTTDRF
GAPTYTWGENETDVLILNNTRPPQGNWFGCTWMNSTGFTKTCGGPPCNIGGVGNNTLTCPTDCFRKHPEATYTKCGSGPW
LTPRCLVDYPYRLWHYPCTVNFTIFKVRMYVGGVEHRLNAACNIGHHHHHH
;
C
#
# COMPACT_ATOMS: atom_id res chain seq x y z
N GLN A 19 18.17 -2.63 34.83
CA GLN A 19 17.37 -2.89 33.60
C GLN A 19 16.10 -2.05 33.58
N ILE A 20 16.03 -1.04 34.44
CA ILE A 20 14.91 -0.12 34.49
C ILE A 20 15.34 1.15 33.78
N GLN A 21 14.80 1.38 32.59
CA GLN A 21 15.13 2.54 31.79
C GLN A 21 14.00 3.56 31.92
N LEU A 22 14.35 4.78 32.30
CA LEU A 22 13.40 5.88 32.47
C LEU A 22 13.58 6.87 31.33
N VAL A 23 13.79 6.33 30.13
CA VAL A 23 14.19 7.11 28.97
C VAL A 23 13.30 8.34 28.88
N GLN A 24 13.92 9.52 28.97
CA GLN A 24 13.15 10.76 29.11
C GLN A 24 12.50 11.14 27.80
N SER A 25 11.20 11.47 27.87
CA SER A 25 10.56 12.17 26.77
C SER A 25 11.20 13.54 26.64
N GLY A 26 11.93 13.76 25.55
CA GLY A 26 12.68 15.00 25.39
C GLY A 26 11.90 16.07 24.65
N ALA A 27 12.28 16.32 23.40
CA ALA A 27 11.61 17.32 22.56
C ALA A 27 10.62 16.56 21.67
N GLU A 28 9.37 16.46 22.14
CA GLU A 28 8.35 15.79 21.35
C GLU A 28 8.11 16.51 20.04
N VAL A 29 8.04 17.84 20.07
CA VAL A 29 7.83 18.66 18.90
C VAL A 29 9.00 19.62 18.78
N LYS A 30 9.61 19.69 17.61
CA LYS A 30 10.75 20.55 17.35
C LYS A 30 10.52 21.32 16.05
N LYS A 31 11.53 22.08 15.64
CA LYS A 31 11.49 22.84 14.41
C LYS A 31 12.74 22.54 13.60
N PRO A 32 12.65 22.60 12.27
CA PRO A 32 13.79 22.19 11.44
C PRO A 32 15.02 23.02 11.73
N GLY A 33 16.18 22.35 11.70
CA GLY A 33 17.44 23.00 11.96
C GLY A 33 17.80 23.16 13.42
N SER A 34 16.92 22.77 14.33
CA SER A 34 17.16 22.92 15.75
C SER A 34 17.78 21.66 16.34
N SER A 35 18.17 21.75 17.61
CA SER A 35 18.81 20.65 18.31
C SER A 35 17.81 19.94 19.22
N VAL A 36 18.11 18.69 19.52
CA VAL A 36 17.33 17.86 20.43
C VAL A 36 18.29 17.22 21.42
N LYS A 37 17.87 17.13 22.69
CA LYS A 37 18.70 16.65 23.79
C LYS A 37 17.93 15.57 24.53
N VAL A 38 18.01 14.34 24.05
CA VAL A 38 17.29 13.23 24.66
C VAL A 38 18.15 12.66 25.79
N SER A 39 17.52 11.89 26.67
CA SER A 39 18.22 11.35 27.84
C SER A 39 17.79 9.91 28.08
N CYS A 40 18.65 9.20 28.81
CA CYS A 40 18.38 7.83 29.25
C CYS A 40 18.99 7.67 30.63
N ARG A 41 18.35 6.87 31.46
CA ARG A 41 18.80 6.64 32.83
C ARG A 41 18.80 5.15 33.12
N ALA A 42 19.84 4.69 33.81
CA ALA A 42 20.00 3.27 34.15
C ALA A 42 19.85 3.11 35.66
N SER A 43 18.66 2.71 36.08
CA SER A 43 18.39 2.51 37.50
C SER A 43 18.96 1.18 37.97
N GLY A 44 19.59 1.20 39.13
CA GLY A 44 20.18 0.00 39.69
C GLY A 44 21.47 -0.38 39.01
N GLY A 45 22.01 -1.52 39.44
CA GLY A 45 23.26 -1.99 38.87
C GLY A 45 24.41 -1.07 39.24
N SER A 46 25.45 -1.12 38.41
CA SER A 46 26.65 -0.30 38.60
C SER A 46 26.93 0.45 37.30
N PHE A 47 26.51 1.71 37.25
CA PHE A 47 26.79 2.54 36.09
C PHE A 47 28.29 2.73 35.95
N GLY A 48 28.80 2.53 34.73
CA GLY A 48 30.22 2.67 34.46
C GLY A 48 30.87 1.37 34.02
N THR A 49 30.05 0.37 33.69
CA THR A 49 30.58 -0.92 33.25
C THR A 49 29.88 -1.48 32.01
N TYR A 50 28.74 -0.94 31.61
CA TYR A 50 28.02 -1.40 30.43
C TYR A 50 27.65 -0.20 29.59
N GLY A 51 27.83 -0.32 28.27
CA GLY A 51 27.59 0.80 27.39
C GLY A 51 26.11 1.06 27.19
N ILE A 52 25.79 2.34 26.96
CA ILE A 52 24.45 2.77 26.59
C ILE A 52 24.46 3.10 25.11
N THR A 53 23.53 2.50 24.37
CA THR A 53 23.50 2.59 22.91
C THR A 53 22.18 3.20 22.47
N TRP A 54 22.26 4.13 21.52
CA TRP A 54 21.10 4.84 20.99
C TRP A 54 20.84 4.38 19.57
N VAL A 55 19.63 3.86 19.33
CA VAL A 55 19.19 3.40 18.02
C VAL A 55 17.83 4.02 17.74
N ARG A 56 17.65 4.55 16.53
CA ARG A 56 16.42 5.22 16.15
C ARG A 56 15.68 4.41 15.08
N GLN A 57 14.39 4.69 14.95
CA GLN A 57 13.63 4.12 13.85
C GLN A 57 12.54 5.09 13.43
N ALA A 58 12.42 5.31 12.11
CA ALA A 58 11.41 6.18 11.54
C ALA A 58 10.03 5.57 11.79
N PRO A 59 8.93 6.25 11.43
CA PRO A 59 7.60 5.73 11.78
C PRO A 59 7.40 4.30 11.29
N GLY A 60 7.50 4.09 9.98
CA GLY A 60 7.61 2.75 9.43
C GLY A 60 8.85 2.64 8.58
N GLN A 61 9.84 1.90 9.05
CA GLN A 61 11.16 1.70 8.44
C GLN A 61 11.89 0.66 9.27
N GLY A 62 13.17 0.45 8.96
CA GLY A 62 14.02 -0.42 9.75
C GLY A 62 14.82 0.36 10.78
N LEU A 63 15.30 -0.37 11.78
CA LEU A 63 16.09 0.24 12.84
C LEU A 63 17.47 0.65 12.30
N GLU A 64 17.87 1.89 12.59
CA GLU A 64 19.16 2.42 12.17
C GLU A 64 20.00 2.74 13.39
N TRP A 65 21.20 2.18 13.45
CA TRP A 65 22.13 2.50 14.53
C TRP A 65 22.45 3.99 14.49
N VAL A 66 22.51 4.61 15.68
CA VAL A 66 22.77 6.04 15.77
C VAL A 66 24.10 6.26 16.47
N GLY A 67 24.24 5.76 17.69
CA GLY A 67 25.48 5.96 18.40
C GLY A 67 25.54 5.11 19.65
N GLY A 68 26.63 5.27 20.39
CA GLY A 68 26.78 4.54 21.62
C GLY A 68 27.94 5.09 22.43
N ILE A 69 27.92 4.77 23.73
CA ILE A 69 28.96 5.21 24.64
C ILE A 69 29.20 4.12 25.67
N VAL A 70 30.42 4.05 26.17
CA VAL A 70 30.79 3.19 27.28
C VAL A 70 31.37 4.08 28.39
N PRO A 71 30.61 4.33 29.46
CA PRO A 71 31.03 5.38 30.40
C PRO A 71 32.14 4.95 31.36
N LEU A 72 33.13 4.25 30.85
CA LEU A 72 34.40 4.06 31.53
C LEU A 72 35.58 4.40 30.65
N PHE A 73 35.53 4.05 29.37
CA PHE A 73 36.50 4.47 28.37
C PHE A 73 35.84 5.60 27.60
N ASP A 74 36.14 6.84 27.99
CA ASP A 74 35.39 7.97 27.47
C ASP A 74 35.75 8.20 26.02
N ARG A 75 35.04 7.51 25.12
CA ARG A 75 35.30 7.58 23.69
C ARG A 75 34.06 7.11 22.94
N PRO A 76 32.98 7.87 22.95
CA PRO A 76 31.74 7.41 22.32
C PRO A 76 31.95 7.10 20.84
N ASN A 77 31.26 6.06 20.38
CA ASN A 77 31.29 5.65 18.98
C ASN A 77 30.02 6.11 18.27
N TYR A 78 30.17 6.46 17.00
CA TYR A 78 29.04 6.84 16.16
C TYR A 78 29.14 6.12 14.82
N ALA A 79 27.99 5.81 14.24
CA ALA A 79 27.97 5.22 12.92
C ALA A 79 28.55 6.20 11.90
N GLN A 80 29.12 5.64 10.83
CA GLN A 80 29.84 6.47 9.86
C GLN A 80 28.99 7.63 9.36
N LYS A 81 27.69 7.40 9.20
CA LYS A 81 26.79 8.41 8.65
C LYS A 81 26.19 9.33 9.71
N PHE A 82 26.58 9.17 10.97
CA PHE A 82 26.10 10.01 12.06
C PHE A 82 27.25 10.69 12.78
N GLN A 83 28.29 11.05 12.04
CA GLN A 83 29.48 11.68 12.61
C GLN A 83 29.44 13.19 12.38
N ASP A 84 30.04 13.92 13.30
CA ASP A 84 30.07 15.38 13.29
C ASP A 84 28.69 15.99 13.42
N ARG A 85 27.67 15.19 13.76
CA ARG A 85 26.31 15.65 13.88
C ARG A 85 25.61 15.14 15.14
N VAL A 86 26.26 14.27 15.91
CA VAL A 86 25.68 13.69 17.12
C VAL A 86 26.75 13.69 18.20
N ALA A 87 26.37 14.08 19.42
CA ALA A 87 27.28 14.09 20.55
C ALA A 87 26.64 13.33 21.70
N ILE A 88 27.26 12.24 22.12
CA ILE A 88 26.73 11.39 23.17
C ILE A 88 27.62 11.53 24.40
N THR A 89 27.01 11.86 25.53
CA THR A 89 27.75 12.12 26.76
C THR A 89 27.12 11.33 27.90
N ALA A 90 27.91 11.07 28.94
CA ALA A 90 27.43 10.37 30.12
C ALA A 90 27.95 11.07 31.36
N ASP A 91 27.10 11.15 32.39
CA ASP A 91 27.46 11.79 33.66
C ASP A 91 27.46 10.72 34.75
N GLU A 92 28.66 10.30 35.16
CA GLU A 92 28.77 9.22 36.13
C GLU A 92 28.08 9.58 37.45
N SER A 93 28.09 10.85 37.83
CA SER A 93 27.54 11.24 39.12
C SER A 93 26.04 10.95 39.21
N THR A 94 25.30 11.27 38.15
CA THR A 94 23.84 11.17 38.18
C THR A 94 23.31 9.91 37.51
N SER A 95 24.16 9.08 36.91
CA SER A 95 23.73 7.88 36.21
C SER A 95 22.76 8.23 35.09
N THR A 96 23.26 9.06 34.16
CA THR A 96 22.45 9.57 33.06
C THR A 96 23.29 9.69 31.81
N ALA A 97 22.79 9.12 30.71
CA ALA A 97 23.44 9.20 29.41
C ALA A 97 22.58 10.08 28.51
N TYR A 98 23.13 11.22 28.11
CA TYR A 98 22.44 12.16 27.24
C TYR A 98 22.92 11.99 25.80
N MET A 99 22.01 12.21 24.87
CA MET A 99 22.29 12.16 23.44
C MET A 99 21.82 13.46 22.83
N GLU A 100 22.76 14.26 22.30
CA GLU A 100 22.45 15.55 21.69
C GLU A 100 22.58 15.38 20.18
N LEU A 101 21.45 15.48 19.49
CA LEU A 101 21.39 15.37 18.04
C LEU A 101 21.10 16.74 17.46
N SER A 102 21.92 17.15 16.49
CA SER A 102 21.87 18.49 15.92
C SER A 102 21.53 18.43 14.44
N SER A 103 21.28 19.60 13.88
CA SER A 103 20.93 19.74 12.46
C SER A 103 19.77 18.83 12.09
N LEU A 104 18.63 19.09 12.71
CA LEU A 104 17.44 18.30 12.47
C LEU A 104 16.92 18.54 11.06
N ARG A 105 16.37 17.48 10.46
CA ARG A 105 15.78 17.53 9.14
C ARG A 105 14.43 16.83 9.18
N PHE A 106 13.58 17.14 8.20
CA PHE A 106 12.23 16.59 8.21
C PHE A 106 12.21 15.07 8.17
N ASP A 107 13.31 14.44 7.76
CA ASP A 107 13.39 12.99 7.78
C ASP A 107 13.63 12.45 9.18
N ASP A 108 14.09 13.29 10.12
CA ASP A 108 14.44 12.81 11.45
C ASP A 108 13.24 12.38 12.27
N THR A 109 12.01 12.68 11.83
CA THR A 109 10.83 12.22 12.54
C THR A 109 10.93 10.72 12.79
N ALA A 110 11.00 10.34 14.05
CA ALA A 110 11.27 8.95 14.40
C ALA A 110 11.07 8.78 15.89
N VAL A 111 11.37 7.58 16.37
CA VAL A 111 11.40 7.26 17.80
C VAL A 111 12.79 6.72 18.12
N TYR A 112 13.41 7.27 19.17
CA TYR A 112 14.80 7.00 19.52
C TYR A 112 14.82 6.18 20.80
N TYR A 113 15.10 4.88 20.69
CA TYR A 113 15.07 4.01 21.85
C TYR A 113 16.36 4.17 22.64
N CYS A 114 16.54 3.32 23.66
CA CYS A 114 17.76 3.24 24.43
C CYS A 114 18.08 1.76 24.59
N ALA A 115 19.35 1.44 24.82
CA ALA A 115 19.71 0.03 24.91
C ALA A 115 21.00 -0.12 25.70
N ARG A 116 21.25 -1.35 26.14
CA ARG A 116 22.47 -1.72 26.83
C ARG A 116 23.32 -2.60 25.92
N GLU A 117 24.64 -2.39 25.97
CA GLU A 117 25.58 -3.24 25.25
C GLU A 117 25.95 -4.43 26.14
N ALA A 118 25.79 -5.64 25.61
CA ALA A 118 26.01 -6.82 26.42
C ALA A 118 27.45 -6.87 26.93
N ASP A 119 28.42 -6.57 26.07
CA ASP A 119 29.82 -6.57 26.44
C ASP A 119 30.46 -5.27 25.97
N ILE A 120 31.42 -4.78 26.76
CA ILE A 120 32.09 -3.54 26.41
C ILE A 120 32.76 -3.69 25.04
N VAL A 121 32.83 -2.58 24.32
CA VAL A 121 33.45 -2.55 23.00
C VAL A 121 34.19 -1.23 22.84
N VAL A 122 35.33 -1.27 22.15
CA VAL A 122 36.14 -0.08 21.88
C VAL A 122 36.25 0.03 20.37
N GLY A 123 35.47 0.93 19.77
CA GLY A 123 35.45 1.10 18.34
C GLY A 123 34.44 0.24 17.61
N GLY A 124 33.78 -0.68 18.30
CA GLY A 124 32.78 -1.53 17.70
C GLY A 124 31.41 -1.34 18.34
N SER A 125 30.56 -2.35 18.26
CA SER A 125 29.25 -2.30 18.87
C SER A 125 28.95 -3.68 19.46
N SER A 126 27.70 -3.91 19.83
CA SER A 126 27.29 -5.19 20.37
C SER A 126 25.78 -5.32 20.22
N TYR A 127 25.20 -6.33 20.85
CA TYR A 127 23.79 -6.65 20.70
C TYR A 127 23.02 -6.16 21.92
N PHE A 128 21.89 -5.50 21.67
CA PHE A 128 21.12 -4.83 22.71
C PHE A 128 20.35 -5.86 23.52
N ASP A 129 20.62 -5.94 24.82
CA ASP A 129 19.96 -6.91 25.67
C ASP A 129 18.59 -6.42 26.13
N SER A 130 18.56 -5.33 26.89
CA SER A 130 17.32 -4.80 27.45
C SER A 130 17.10 -3.38 26.93
N TRP A 131 16.01 -3.18 26.20
CA TRP A 131 15.72 -1.90 25.59
C TRP A 131 15.07 -0.98 26.63
N GLY A 132 14.53 0.15 26.15
CA GLY A 132 13.79 1.07 26.99
C GLY A 132 12.59 1.60 26.24
N GLN A 133 11.79 2.39 26.96
CA GLN A 133 10.58 2.94 26.36
C GLN A 133 10.93 3.81 25.16
N GLY A 134 10.16 3.66 24.09
CA GLY A 134 10.40 4.45 22.89
C GLY A 134 9.77 5.82 23.01
N THR A 135 10.58 6.85 22.76
CA THR A 135 10.12 8.23 22.82
C THR A 135 9.94 8.79 21.42
N LEU A 136 8.83 9.48 21.21
CA LEU A 136 8.55 10.10 19.93
C LEU A 136 9.21 11.47 19.88
N VAL A 137 9.83 11.79 18.75
CA VAL A 137 10.45 13.09 18.52
C VAL A 137 9.99 13.54 17.14
N THR A 138 8.94 14.34 17.08
CA THR A 138 8.35 14.74 15.81
C THR A 138 8.94 16.06 15.36
N VAL A 139 9.38 16.11 14.11
CA VAL A 139 9.90 17.33 13.51
C VAL A 139 8.83 17.86 12.56
N THR A 140 8.25 19.01 12.90
CA THR A 140 7.15 19.58 12.14
C THR A 140 7.28 21.09 12.09
N LYS A 141 6.62 21.69 11.09
CA LYS A 141 6.57 23.13 10.90
C LYS A 141 5.11 23.51 10.70
N GLY A 142 4.52 24.16 11.70
CA GLY A 142 3.12 24.51 11.66
C GLY A 142 2.83 25.48 10.54
N PRO A 143 1.63 25.41 9.97
CA PRO A 143 1.30 26.29 8.83
C PRO A 143 1.31 27.75 9.25
N SER A 144 1.67 28.61 8.31
CA SER A 144 1.68 30.05 8.50
C SER A 144 0.50 30.62 7.71
N VAL A 145 -0.62 30.80 8.41
CA VAL A 145 -1.81 31.32 7.72
C VAL A 145 -1.49 32.71 7.17
N PHE A 146 -2.30 33.13 6.21
CA PHE A 146 -2.18 34.47 5.66
C PHE A 146 -3.55 34.91 5.15
N PRO A 147 -3.94 36.16 5.41
CA PRO A 147 -5.30 36.59 5.03
C PRO A 147 -5.38 36.88 3.54
N LEU A 148 -6.26 36.15 2.85
CA LEU A 148 -6.53 36.38 1.44
C LEU A 148 -7.68 37.38 1.34
N ALA A 149 -7.39 38.56 0.81
CA ALA A 149 -8.34 39.66 0.87
C ALA A 149 -9.53 39.41 -0.05
N PRO A 150 -10.65 40.10 0.20
CA PRO A 150 -11.79 40.09 -0.73
C PRO A 150 -11.67 41.15 -1.81
N SER A 151 -10.52 41.18 -2.49
CA SER A 151 -10.28 42.20 -3.50
C SER A 151 -11.45 42.23 -4.49
N SER A 152 -12.21 43.32 -4.48
CA SER A 152 -13.45 43.38 -5.24
C SER A 152 -13.36 44.33 -6.43
N LYS A 153 -13.06 45.61 -6.20
CA LYS A 153 -13.02 46.58 -7.28
C LYS A 153 -14.23 46.39 -8.19
N SER A 154 -15.43 46.63 -7.66
CA SER A 154 -16.65 46.22 -8.32
C SER A 154 -16.73 44.70 -8.36
N THR A 155 -16.73 44.07 -7.18
CA THR A 155 -16.71 42.61 -7.07
C THR A 155 -17.67 41.96 -8.05
N SER A 156 -17.25 40.84 -8.61
CA SER A 156 -18.04 40.15 -9.62
C SER A 156 -19.41 39.76 -9.08
N GLY A 157 -20.45 40.04 -9.85
CA GLY A 157 -21.79 39.67 -9.43
C GLY A 157 -22.14 40.29 -8.09
N GLY A 158 -22.66 39.46 -7.20
CA GLY A 158 -22.97 39.89 -5.85
C GLY A 158 -22.48 38.90 -4.81
N THR A 159 -21.51 38.08 -5.20
CA THR A 159 -20.95 37.03 -4.34
C THR A 159 -19.43 37.12 -4.42
N ALA A 160 -18.84 37.90 -3.53
CA ALA A 160 -17.40 38.08 -3.53
C ALA A 160 -16.70 36.76 -3.26
N ALA A 161 -15.38 36.76 -3.45
CA ALA A 161 -14.55 35.58 -3.28
C ALA A 161 -13.61 35.80 -2.12
N LEU A 162 -13.67 34.91 -1.12
CA LEU A 162 -12.86 35.01 0.07
C LEU A 162 -12.23 33.66 0.37
N GLY A 163 -11.19 33.68 1.20
CA GLY A 163 -10.49 32.45 1.54
C GLY A 163 -9.33 32.74 2.45
N CYS A 164 -8.56 31.69 2.73
CA CYS A 164 -7.40 31.78 3.61
C CYS A 164 -6.26 31.02 2.96
N LEU A 165 -5.14 31.69 2.74
CA LEU A 165 -3.96 31.05 2.19
C LEU A 165 -3.17 30.35 3.28
N VAL A 166 -2.63 29.18 2.96
CA VAL A 166 -1.80 28.41 3.86
C VAL A 166 -0.56 27.97 3.10
N LYS A 167 0.56 27.89 3.81
CA LYS A 167 1.80 27.45 3.18
C LYS A 167 2.84 27.17 4.23
N ASP A 168 3.91 26.47 3.81
CA ASP A 168 5.06 26.16 4.66
C ASP A 168 4.66 25.29 5.85
N TYR A 169 4.13 24.10 5.52
CA TYR A 169 3.89 23.07 6.53
C TYR A 169 4.18 21.72 5.90
N PHE A 170 5.17 21.00 6.44
CA PHE A 170 5.59 19.76 5.78
C PHE A 170 4.61 18.62 6.00
N PRO A 171 4.29 18.24 7.23
CA PRO A 171 3.32 17.15 7.42
C PRO A 171 2.01 17.45 6.70
N GLU A 172 1.49 16.43 6.01
CA GLU A 172 0.39 16.66 5.07
C GLU A 172 -0.90 17.08 5.75
N PRO A 173 -1.42 16.36 6.74
CA PRO A 173 -2.80 16.61 7.18
C PRO A 173 -3.02 18.05 7.64
N VAL A 174 -4.17 18.59 7.28
CA VAL A 174 -4.56 19.95 7.64
C VAL A 174 -6.05 20.11 7.37
N THR A 175 -6.71 20.97 8.13
CA THR A 175 -8.14 21.21 7.97
C THR A 175 -8.42 22.71 7.98
N VAL A 176 -9.46 23.10 7.27
CA VAL A 176 -9.93 24.48 7.23
C VAL A 176 -11.41 24.50 7.60
N SER A 177 -11.76 25.33 8.56
CA SER A 177 -13.15 25.54 8.97
C SER A 177 -13.53 26.98 8.71
N TRP A 178 -14.78 27.32 9.01
CA TRP A 178 -15.25 28.69 8.84
C TRP A 178 -16.29 28.99 9.90
N ASN A 179 -16.12 30.12 10.59
CA ASN A 179 -17.03 30.53 11.65
C ASN A 179 -17.18 29.43 12.70
N SER A 180 -16.06 28.79 13.04
CA SER A 180 -16.05 27.67 13.99
C SER A 180 -17.03 26.59 13.56
N GLY A 181 -17.33 26.52 12.27
CA GLY A 181 -18.27 25.59 11.70
C GLY A 181 -19.54 26.29 11.25
N ALA A 182 -19.58 26.64 9.96
CA ALA A 182 -20.72 27.28 9.35
C ALA A 182 -20.37 27.59 7.90
N LEU A 183 -21.33 28.11 7.13
CA LEU A 183 -21.06 28.49 5.74
C LEU A 183 -20.44 27.34 4.96
N THR A 184 -20.93 26.12 5.22
CA THR A 184 -20.46 24.96 4.50
C THR A 184 -20.89 24.99 3.04
N SER A 185 -21.77 25.91 2.65
CA SER A 185 -22.18 26.08 1.27
C SER A 185 -21.25 27.09 0.60
N GLY A 186 -20.41 26.62 -0.31
CA GLY A 186 -19.47 27.46 -1.01
C GLY A 186 -18.02 27.30 -0.61
N VAL A 187 -17.69 26.28 0.16
CA VAL A 187 -16.32 26.09 0.66
C VAL A 187 -15.57 25.17 -0.31
N HIS A 188 -14.51 25.68 -0.92
CA HIS A 188 -13.58 24.90 -1.70
C HIS A 188 -12.28 24.76 -0.92
N THR A 189 -11.72 23.55 -0.88
CA THR A 189 -10.44 23.29 -0.24
C THR A 189 -9.63 22.41 -1.19
N PHE A 190 -8.73 23.02 -1.95
CA PHE A 190 -8.02 22.32 -2.99
C PHE A 190 -6.98 21.37 -2.40
N PRO A 191 -6.48 20.43 -3.19
CA PRO A 191 -5.45 19.51 -2.69
C PRO A 191 -4.12 20.22 -2.48
N ALA A 192 -3.28 19.60 -1.67
CA ALA A 192 -1.96 20.16 -1.36
C ALA A 192 -1.00 19.94 -2.52
N VAL A 193 -0.30 21.00 -2.91
CA VAL A 193 0.63 20.98 -4.03
C VAL A 193 2.03 21.26 -3.51
N LEU A 194 2.97 20.38 -3.83
CA LEU A 194 4.34 20.54 -3.36
C LEU A 194 4.95 21.80 -3.97
N GLN A 195 5.89 22.40 -3.24
CA GLN A 195 6.66 23.54 -3.69
C GLN A 195 8.09 23.11 -3.99
N SER A 196 8.92 24.09 -4.37
CA SER A 196 10.31 23.80 -4.68
C SER A 196 11.06 23.28 -3.47
N SER A 197 10.84 23.90 -2.30
CA SER A 197 11.58 23.55 -1.09
C SER A 197 11.10 22.27 -0.44
N GLY A 198 9.96 21.73 -0.86
CA GLY A 198 9.40 20.54 -0.25
C GLY A 198 8.33 20.79 0.79
N LEU A 199 7.85 22.02 0.92
CA LEU A 199 6.80 22.36 1.88
C LEU A 199 5.47 22.51 1.14
N TYR A 200 4.42 21.90 1.69
CA TYR A 200 3.13 21.88 1.02
C TYR A 200 2.53 23.29 0.99
N SER A 201 1.36 23.40 0.37
CA SER A 201 0.67 24.67 0.24
C SER A 201 -0.81 24.39 -0.01
N LEU A 202 -1.61 25.44 0.09
CA LEU A 202 -3.06 25.31 -0.02
C LEU A 202 -3.66 26.72 -0.02
N SER A 203 -4.83 26.85 -0.63
CA SER A 203 -5.57 28.11 -0.60
C SER A 203 -7.05 27.79 -0.69
N SER A 204 -7.72 27.73 0.46
CA SER A 204 -9.14 27.39 0.51
C SER A 204 -9.96 28.66 0.31
N VAL A 205 -10.84 28.64 -0.69
CA VAL A 205 -11.60 29.81 -1.09
C VAL A 205 -13.06 29.60 -0.69
N VAL A 206 -13.81 30.70 -0.66
CA VAL A 206 -15.23 30.68 -0.34
C VAL A 206 -15.90 31.81 -1.11
N THR A 207 -17.18 31.63 -1.42
CA THR A 207 -18.00 32.65 -2.06
C THR A 207 -19.23 32.87 -1.17
N VAL A 208 -19.16 33.87 -0.31
CA VAL A 208 -20.18 34.13 0.70
C VAL A 208 -20.77 35.51 0.44
N PRO A 209 -22.07 35.64 0.16
CA PRO A 209 -22.65 36.97 -0.11
C PRO A 209 -23.10 37.69 1.16
N SER A 210 -22.11 38.08 1.98
CA SER A 210 -22.37 38.89 3.17
C SER A 210 -22.45 40.36 2.79
N SER A 211 -23.43 40.68 1.95
CA SER A 211 -23.58 41.99 1.35
C SER A 211 -22.39 42.35 0.46
N SER A 212 -21.66 41.34 -0.02
CA SER A 212 -20.53 41.54 -0.92
C SER A 212 -19.37 42.24 -0.20
N LEU A 213 -19.06 41.77 1.02
CA LEU A 213 -17.90 42.23 1.76
C LEU A 213 -17.62 41.24 2.87
N GLY A 214 -16.75 41.62 3.81
CA GLY A 214 -16.41 40.78 4.94
C GLY A 214 -17.31 41.03 6.13
N THR A 215 -16.72 41.49 7.23
CA THR A 215 -17.49 41.80 8.44
C THR A 215 -17.98 40.51 9.09
N GLN A 216 -19.17 40.54 9.70
CA GLN A 216 -19.66 39.42 10.49
C GLN A 216 -18.52 38.89 11.36
N THR A 217 -18.19 37.61 11.24
CA THR A 217 -17.00 37.06 11.89
C THR A 217 -16.50 35.91 11.03
N TYR A 218 -15.55 36.22 10.15
CA TYR A 218 -14.97 35.23 9.25
C TYR A 218 -13.61 34.83 9.81
N ILE A 219 -13.55 33.67 10.44
CA ILE A 219 -12.32 33.14 11.02
C ILE A 219 -12.11 31.75 10.45
N CYS A 220 -11.00 31.57 9.72
CA CYS A 220 -10.66 30.27 9.13
C CYS A 220 -9.84 29.51 10.17
N ASN A 221 -10.54 28.76 11.03
CA ASN A 221 -9.90 28.06 12.13
C ASN A 221 -9.14 26.86 11.59
N VAL A 222 -7.93 27.12 11.09
CA VAL A 222 -7.06 26.05 10.60
C VAL A 222 -6.45 25.34 11.80
N ASN A 223 -6.56 24.02 11.83
CA ASN A 223 -6.06 23.20 12.95
C ASN A 223 -5.16 22.11 12.38
N HIS A 224 -3.88 22.44 12.20
CA HIS A 224 -2.90 21.46 11.75
C HIS A 224 -2.54 20.58 12.95
N LYS A 225 -3.17 19.41 13.05
CA LYS A 225 -3.06 18.60 14.24
C LYS A 225 -1.61 18.22 14.57
N PRO A 226 -0.81 17.70 13.63
CA PRO A 226 0.52 17.18 14.01
C PRO A 226 1.39 18.20 14.72
N SER A 227 1.32 19.47 14.33
CA SER A 227 2.13 20.51 14.94
C SER A 227 1.48 21.16 16.15
N ASN A 228 0.24 20.77 16.47
CA ASN A 228 -0.49 21.34 17.61
C ASN A 228 -0.51 22.87 17.50
N THR A 229 -1.17 23.33 16.45
CA THR A 229 -1.32 24.76 16.21
C THR A 229 -2.67 25.01 15.56
N LYS A 230 -3.57 25.64 16.31
CA LYS A 230 -4.86 26.08 15.80
C LYS A 230 -4.87 27.60 15.79
N VAL A 231 -5.20 28.18 14.64
CA VAL A 231 -5.13 29.62 14.44
C VAL A 231 -6.48 30.11 13.97
N ASP A 232 -6.77 31.39 14.26
CA ASP A 232 -8.01 32.04 13.85
C ASP A 232 -7.65 33.42 13.30
N LYS A 233 -7.63 33.54 11.98
CA LYS A 233 -7.31 34.79 11.31
C LYS A 233 -8.58 35.42 10.78
N ARG A 234 -8.83 36.67 11.14
CA ARG A 234 -9.96 37.42 10.61
C ARG A 234 -9.57 38.00 9.26
N VAL A 235 -10.24 37.55 8.21
CA VAL A 235 -9.94 37.96 6.84
C VAL A 235 -11.04 38.91 6.38
N GLU A 236 -10.66 40.15 6.15
CA GLU A 236 -11.61 41.18 5.71
C GLU A 236 -10.87 42.12 4.78
N PRO A 237 -11.57 43.08 4.17
CA PRO A 237 -10.90 44.04 3.30
C PRO A 237 -9.69 44.65 3.98
N LYS A 238 -8.49 44.34 3.46
CA LYS A 238 -7.23 44.60 4.14
C LYS A 238 -6.56 45.88 3.64
N SER A 239 -7.30 46.84 3.11
CA SER A 239 -6.72 48.07 2.61
C SER A 239 -7.76 49.18 2.67
N CYS A 240 -7.29 50.40 2.36
CA CYS A 240 -8.21 51.54 2.30
C CYS A 240 -9.28 51.32 1.25
N ASP A 241 -8.90 50.78 0.10
CA ASP A 241 -9.86 50.38 -0.92
C ASP A 241 -10.45 49.03 -0.54
N LYS A 242 -11.13 48.36 -1.48
CA LYS A 242 -11.74 47.06 -1.28
C LYS A 242 -13.05 47.14 -0.51
N THR A 243 -13.67 48.32 -0.45
CA THR A 243 -14.93 48.49 0.27
C THR A 243 -15.99 47.52 -0.24
N VAL B 22 24.67 -3.89 2.82
CA VAL B 22 25.63 -4.99 3.15
C VAL B 22 24.86 -6.24 3.60
N LEU B 23 23.77 -6.02 4.33
CA LEU B 23 22.94 -7.11 4.83
C LEU B 23 21.51 -6.90 4.38
N THR B 24 20.89 -7.95 3.84
CA THR B 24 19.52 -7.88 3.36
C THR B 24 18.84 -9.23 3.60
N GLN B 25 17.52 -9.19 3.63
CA GLN B 25 16.70 -10.37 3.91
C GLN B 25 15.98 -10.79 2.64
N SER B 26 16.17 -12.06 2.25
CA SER B 26 15.63 -12.53 0.98
C SER B 26 14.10 -12.52 0.94
N PRO B 27 13.39 -13.10 1.91
CA PRO B 27 11.97 -13.42 1.68
C PRO B 27 11.06 -12.21 1.46
N GLY B 28 11.47 -11.01 1.85
CA GLY B 28 10.56 -9.89 1.76
C GLY B 28 9.33 -10.15 2.61
N THR B 29 8.15 -9.97 2.02
CA THR B 29 6.90 -10.26 2.73
C THR B 29 6.74 -11.76 2.91
N LEU B 30 5.95 -12.12 3.94
CA LEU B 30 5.68 -13.53 4.22
C LEU B 30 4.37 -13.62 4.99
N SER B 31 3.59 -14.65 4.65
CA SER B 31 2.31 -14.88 5.31
C SER B 31 2.06 -16.38 5.38
N LEU B 32 1.65 -16.87 6.55
CA LEU B 32 1.43 -18.28 6.78
C LEU B 32 0.33 -18.45 7.80
N SER B 33 0.04 -19.72 8.12
CA SER B 33 -0.98 -20.08 9.11
C SER B 33 -0.34 -20.93 10.21
N PRO B 34 -0.93 -20.94 11.41
CA PRO B 34 -0.32 -21.68 12.53
C PRO B 34 0.11 -23.09 12.14
N GLY B 35 1.06 -23.64 12.88
CA GLY B 35 1.56 -24.98 12.60
C GLY B 35 2.29 -25.08 11.27
N GLU B 36 3.15 -24.10 10.97
CA GLU B 36 3.91 -24.09 9.73
C GLU B 36 5.38 -23.80 10.04
N ARG B 37 6.22 -24.09 9.05
CA ARG B 37 7.67 -23.86 9.14
C ARG B 37 8.04 -22.76 8.17
N ALA B 38 8.70 -21.72 8.67
CA ALA B 38 9.12 -20.57 7.88
C ALA B 38 10.61 -20.34 8.05
N THR B 39 11.25 -19.85 7.00
CA THR B 39 12.69 -19.60 6.98
C THR B 39 12.95 -18.18 6.53
N LEU B 40 13.85 -17.50 7.23
CA LEU B 40 14.28 -16.15 6.88
C LEU B 40 15.79 -16.17 6.69
N SER B 41 16.27 -15.52 5.63
CA SER B 41 17.67 -15.57 5.26
C SER B 41 18.24 -14.16 5.16
N CYS B 42 19.34 -13.95 5.89
CA CYS B 42 20.09 -12.69 5.90
C CYS B 42 21.41 -12.94 5.19
N ARG B 43 21.71 -12.12 4.19
CA ARG B 43 22.88 -12.32 3.35
C ARG B 43 24.02 -11.44 3.83
N ALA B 44 25.15 -12.06 4.20
CA ALA B 44 26.37 -11.34 4.47
C ALA B 44 27.08 -11.11 3.14
N SER B 45 27.04 -9.86 2.65
CA SER B 45 27.35 -9.58 1.26
C SER B 45 28.73 -10.09 0.84
N GLN B 46 29.79 -9.54 1.43
CA GLN B 46 31.15 -9.81 0.98
C GLN B 46 31.98 -10.54 2.03
N SER B 47 32.09 -9.99 3.24
CA SER B 47 32.98 -10.55 4.24
C SER B 47 32.27 -11.65 5.02
N VAL B 48 33.02 -12.72 5.34
CA VAL B 48 32.47 -13.78 6.18
C VAL B 48 32.04 -13.21 7.53
N SER B 49 32.65 -12.12 7.97
CA SER B 49 32.30 -11.32 9.13
C SER B 49 32.73 -11.98 10.43
N SER B 50 33.29 -13.20 10.41
CA SER B 50 33.77 -13.86 11.62
C SER B 50 32.62 -14.25 12.54
N THR B 51 31.49 -14.64 11.95
CA THR B 51 30.38 -15.25 12.69
C THR B 51 29.85 -14.32 13.79
N TYR B 52 29.28 -13.21 13.36
CA TYR B 52 28.64 -12.25 14.25
C TYR B 52 27.26 -11.93 13.70
N VAL B 53 26.22 -12.23 14.50
CA VAL B 53 24.84 -12.03 14.06
C VAL B 53 23.95 -11.89 15.29
N ALA B 54 22.86 -11.15 15.13
CA ALA B 54 21.85 -11.03 16.16
C ALA B 54 20.50 -10.72 15.50
N TRP B 55 19.45 -11.39 15.96
CA TRP B 55 18.14 -11.31 15.35
C TRP B 55 17.14 -10.72 16.34
N TYR B 56 16.29 -9.82 15.86
CA TYR B 56 15.30 -9.14 16.69
C TYR B 56 13.89 -9.47 16.22
N GLN B 57 12.91 -9.11 17.05
CA GLN B 57 11.50 -9.36 16.77
C GLN B 57 10.70 -8.17 17.27
N GLN B 58 10.05 -7.45 16.35
CA GLN B 58 9.28 -6.26 16.69
C GLN B 58 7.80 -6.55 16.55
N LYS B 59 7.03 -6.24 17.58
CA LYS B 59 5.58 -6.31 17.55
C LYS B 59 5.00 -4.98 17.08
N PRO B 60 3.71 -4.92 16.80
CA PRO B 60 3.13 -3.68 16.23
C PRO B 60 3.06 -2.54 17.22
N GLY B 61 4.19 -2.11 17.77
CA GLY B 61 4.22 -0.96 18.65
C GLY B 61 5.17 -1.10 19.82
N GLN B 62 5.44 -2.32 20.25
CA GLN B 62 6.34 -2.56 21.36
C GLN B 62 7.79 -2.50 20.88
N ALA B 63 8.71 -2.41 21.83
CA ALA B 63 10.12 -2.32 21.50
C ALA B 63 10.65 -3.67 21.04
N PRO B 64 11.65 -3.69 20.15
CA PRO B 64 12.23 -4.96 19.73
C PRO B 64 12.92 -5.68 20.89
N ARG B 65 12.97 -7.00 20.79
CA ARG B 65 13.63 -7.84 21.78
C ARG B 65 14.65 -8.73 21.09
N LEU B 66 15.67 -9.13 21.85
CA LEU B 66 16.74 -9.96 21.33
C LEU B 66 16.35 -11.43 21.38
N LEU B 67 16.71 -12.16 20.32
CA LEU B 67 16.41 -13.59 20.22
C LEU B 67 17.67 -14.44 20.14
N ILE B 68 18.62 -14.08 19.27
CA ILE B 68 19.84 -14.85 19.10
C ILE B 68 21.03 -13.89 19.06
N TYR B 69 22.19 -14.39 19.45
CA TYR B 69 23.45 -13.69 19.24
C TYR B 69 24.52 -14.71 18.94
N ASP B 70 25.36 -14.42 17.95
CA ASP B 70 26.37 -15.30 17.38
C ASP B 70 25.75 -16.29 16.40
N ALA B 71 24.44 -16.25 16.19
CA ALA B 71 23.68 -17.09 15.27
C ALA B 71 23.59 -18.53 15.73
N SER B 72 24.14 -18.88 16.90
CA SER B 72 24.13 -20.25 17.38
C SER B 72 23.71 -20.39 18.84
N ILE B 73 23.69 -19.32 19.62
CA ILE B 73 23.35 -19.36 21.04
C ILE B 73 22.04 -18.61 21.23
N ARG B 74 21.11 -19.24 21.94
CA ARG B 74 19.80 -18.66 22.16
C ARG B 74 19.81 -17.78 23.41
N ALA B 75 18.91 -16.80 23.42
CA ALA B 75 18.81 -15.88 24.55
C ALA B 75 18.10 -16.56 25.71
N THR B 76 17.83 -15.81 26.76
CA THR B 76 17.15 -16.31 27.95
C THR B 76 15.70 -15.81 27.94
N GLY B 77 14.77 -16.72 28.19
CA GLY B 77 13.35 -16.39 28.19
C GLY B 77 12.64 -16.72 26.89
N VAL B 78 13.37 -17.12 25.85
CA VAL B 78 12.78 -17.44 24.55
C VAL B 78 12.66 -18.95 24.41
N PRO B 79 11.62 -19.47 23.76
CA PRO B 79 11.50 -20.91 23.58
C PRO B 79 12.51 -21.43 22.57
N ASP B 80 12.66 -22.76 22.55
CA ASP B 80 13.55 -23.41 21.59
C ASP B 80 13.01 -23.33 20.16
N ARG B 81 11.77 -22.86 19.98
CA ARG B 81 11.19 -22.81 18.64
C ARG B 81 12.07 -22.01 17.68
N PHE B 82 12.51 -20.83 18.12
CA PHE B 82 13.40 -20.01 17.30
C PHE B 82 14.79 -20.61 17.31
N SER B 83 15.30 -20.99 16.15
CA SER B 83 16.58 -21.64 16.01
C SER B 83 17.55 -20.75 15.24
N GLY B 84 18.84 -21.05 15.40
CA GLY B 84 19.87 -20.32 14.71
C GLY B 84 20.85 -21.26 14.03
N GLY B 85 21.50 -20.74 13.00
CA GLY B 85 22.47 -21.52 12.26
C GLY B 85 23.04 -20.71 11.12
N GLY B 86 24.21 -21.11 10.69
CA GLY B 86 24.93 -20.45 9.61
C GLY B 86 26.42 -20.62 9.80
N SER B 87 27.14 -20.59 8.67
CA SER B 87 28.59 -20.75 8.69
C SER B 87 29.15 -20.04 7.47
N GLY B 88 29.75 -18.88 7.68
CA GLY B 88 30.33 -18.12 6.60
C GLY B 88 29.38 -17.10 6.01
N THR B 89 28.22 -17.55 5.58
CA THR B 89 27.23 -16.66 4.97
C THR B 89 25.86 -17.31 5.06
N ASP B 90 24.83 -16.50 4.82
CA ASP B 90 23.44 -16.94 4.83
C ASP B 90 23.06 -17.55 6.18
N PHE B 91 23.10 -16.70 7.19
CA PHE B 91 22.61 -17.07 8.51
C PHE B 91 21.08 -17.11 8.48
N THR B 92 20.50 -18.06 9.21
CA THR B 92 19.09 -18.39 9.08
C THR B 92 18.38 -18.34 10.42
N LEU B 93 17.07 -18.12 10.36
CA LEU B 93 16.19 -18.12 11.53
C LEU B 93 14.94 -18.91 11.17
N THR B 94 14.88 -20.16 11.62
CA THR B 94 13.78 -21.05 11.31
C THR B 94 12.67 -20.89 12.34
N ILE B 95 11.45 -20.64 11.87
CA ILE B 95 10.29 -20.54 12.75
C ILE B 95 9.37 -21.72 12.50
N SER B 96 9.57 -22.80 13.26
CA SER B 96 8.74 -23.98 13.15
C SER B 96 7.57 -23.90 14.12
N ARG B 97 6.56 -24.73 13.89
CA ARG B 97 5.36 -24.81 14.71
C ARG B 97 4.89 -23.41 15.11
N LEU B 98 4.56 -22.61 14.08
CA LEU B 98 4.15 -21.23 14.29
C LEU B 98 2.99 -21.16 15.28
N GLU B 99 2.76 -19.98 15.84
CA GLU B 99 1.71 -19.74 16.82
C GLU B 99 1.01 -18.45 16.46
N PRO B 100 -0.18 -18.21 17.01
CA PRO B 100 -0.84 -16.91 16.78
C PRO B 100 -0.01 -15.74 17.27
N GLU B 101 0.78 -15.93 18.33
CA GLU B 101 1.60 -14.87 18.90
C GLU B 101 3.00 -14.85 18.29
N ASP B 102 3.06 -14.81 16.96
CA ASP B 102 4.34 -14.70 16.26
C ASP B 102 4.23 -13.73 15.08
N PHE B 103 3.36 -12.72 15.20
CA PHE B 103 3.25 -11.65 14.22
C PHE B 103 4.24 -10.56 14.62
N ALA B 104 5.25 -10.36 13.78
CA ALA B 104 6.30 -9.40 14.09
C ALA B 104 7.20 -9.23 12.88
N VAL B 105 7.73 -8.01 12.71
CA VAL B 105 8.62 -7.68 11.62
C VAL B 105 10.04 -7.98 12.10
N TYR B 106 10.58 -9.12 11.66
CA TYR B 106 11.85 -9.60 12.20
C TYR B 106 13.02 -8.85 11.54
N TYR B 107 14.04 -8.54 12.35
CA TYR B 107 15.16 -7.71 11.94
C TYR B 107 16.48 -8.43 12.14
N CYS B 108 17.43 -8.13 11.26
CA CYS B 108 18.74 -8.77 11.25
C CYS B 108 19.82 -7.70 11.35
N GLN B 109 20.86 -7.98 12.12
CA GLN B 109 22.01 -7.09 12.20
C GLN B 109 23.26 -7.92 12.41
N GLN B 110 24.38 -7.37 11.96
CA GLN B 110 25.70 -7.90 12.26
C GLN B 110 26.45 -6.88 13.10
N TYR B 111 27.06 -7.34 14.18
CA TYR B 111 27.86 -6.51 15.05
C TYR B 111 29.33 -6.88 14.88
N GLY B 112 30.18 -6.26 15.69
CA GLY B 112 31.61 -6.48 15.59
C GLY B 112 32.37 -5.23 15.21
N GLY B 113 32.93 -5.21 14.00
CA GLY B 113 33.67 -4.06 13.53
C GLY B 113 32.92 -3.24 12.50
N SER B 114 31.80 -3.77 12.01
CA SER B 114 30.98 -3.11 11.00
C SER B 114 29.51 -3.22 11.39
N PRO B 115 29.11 -2.57 12.49
CA PRO B 115 27.72 -2.66 12.95
C PRO B 115 26.77 -2.00 11.96
N PHE B 116 25.81 -2.77 11.46
CA PHE B 116 24.83 -2.24 10.52
C PHE B 116 23.64 -3.19 10.50
N PHE B 117 22.45 -2.66 10.82
CA PHE B 117 21.24 -3.46 10.82
C PHE B 117 20.94 -3.95 9.42
N GLY B 118 19.91 -4.80 9.29
CA GLY B 118 19.53 -5.33 7.99
C GLY B 118 18.15 -4.88 7.56
N GLY B 119 17.54 -5.63 6.65
CA GLY B 119 16.20 -5.33 6.21
C GLY B 119 15.14 -5.99 7.07
N GLY B 120 13.94 -5.43 7.04
CA GLY B 120 12.86 -5.92 7.86
C GLY B 120 11.86 -6.77 7.10
N THR B 121 11.94 -8.09 7.28
CA THR B 121 10.95 -8.98 6.69
C THR B 121 9.64 -8.87 7.47
N LYS B 122 8.53 -8.72 6.75
CA LYS B 122 7.23 -8.67 7.38
C LYS B 122 6.72 -10.08 7.65
N VAL B 123 5.72 -10.17 8.51
CA VAL B 123 5.06 -11.45 8.80
C VAL B 123 3.61 -11.14 9.14
N GLU B 124 2.71 -12.01 8.66
CA GLU B 124 1.29 -11.90 8.96
C GLU B 124 0.81 -13.23 9.51
N ILE B 125 0.18 -13.20 10.69
CA ILE B 125 -0.34 -14.41 11.32
C ILE B 125 -1.86 -14.52 11.18
N LYS B 126 -2.49 -13.59 10.48
CA LYS B 126 -3.94 -13.61 10.28
C LYS B 126 -4.25 -14.52 9.10
N ARG B 127 -4.43 -15.81 9.38
CA ARG B 127 -4.77 -16.79 8.36
C ARG B 127 -5.68 -17.85 8.97
N THR B 128 -6.61 -18.34 8.16
CA THR B 128 -7.53 -19.38 8.60
C THR B 128 -7.95 -20.20 7.39
N VAL B 129 -8.42 -21.42 7.64
CA VAL B 129 -8.80 -22.35 6.59
C VAL B 129 -10.18 -22.94 6.89
N ALA B 130 -10.87 -23.36 5.84
CA ALA B 130 -12.17 -24.01 5.94
C ALA B 130 -12.18 -25.26 5.10
N ALA B 131 -12.74 -26.34 5.65
CA ALA B 131 -12.73 -27.64 5.01
C ALA B 131 -14.04 -27.88 4.27
N PRO B 132 -14.03 -28.14 2.97
CA PRO B 132 -15.29 -28.36 2.26
C PRO B 132 -16.02 -29.61 2.75
N SER B 133 -17.35 -29.56 2.69
CA SER B 133 -18.21 -30.70 2.95
C SER B 133 -18.83 -31.14 1.62
N VAL B 134 -18.75 -32.43 1.33
CA VAL B 134 -18.99 -32.98 0.00
C VAL B 134 -20.28 -33.76 -0.01
N PHE B 135 -21.02 -33.70 -1.12
CA PHE B 135 -22.07 -34.69 -1.37
C PHE B 135 -22.60 -34.52 -2.79
N ILE B 136 -23.56 -35.36 -3.15
CA ILE B 136 -24.02 -35.52 -4.53
C ILE B 136 -25.54 -35.44 -4.60
N PHE B 137 -26.03 -35.04 -5.77
CA PHE B 137 -27.46 -34.88 -6.03
C PHE B 137 -27.74 -35.49 -7.40
N PRO B 138 -28.31 -36.69 -7.47
CA PRO B 138 -28.83 -37.22 -8.73
C PRO B 138 -30.31 -36.94 -8.91
N PRO B 139 -30.70 -35.73 -9.33
CA PRO B 139 -32.13 -35.46 -9.50
C PRO B 139 -32.79 -36.51 -10.39
N SER B 140 -33.97 -36.96 -9.96
CA SER B 140 -34.71 -37.99 -10.68
C SER B 140 -36.17 -37.93 -10.25
N ASP B 141 -36.98 -38.82 -10.83
CA ASP B 141 -38.42 -38.93 -10.68
C ASP B 141 -39.15 -37.84 -11.46
N GLU B 142 -38.45 -36.88 -12.05
CA GLU B 142 -39.02 -35.95 -13.02
C GLU B 142 -38.10 -35.68 -14.18
N GLN B 143 -36.85 -36.13 -14.13
CA GLN B 143 -35.85 -35.88 -15.16
C GLN B 143 -35.72 -37.04 -16.15
N LEU B 144 -35.87 -38.28 -15.68
CA LEU B 144 -35.77 -39.42 -16.59
C LEU B 144 -36.74 -39.30 -17.75
N LYS B 145 -37.93 -38.75 -17.49
CA LYS B 145 -38.90 -38.56 -18.56
C LYS B 145 -38.38 -37.58 -19.61
N SER B 146 -37.75 -36.50 -19.18
CA SER B 146 -37.24 -35.47 -20.09
C SER B 146 -35.84 -35.77 -20.60
N GLY B 147 -35.14 -36.75 -20.03
CA GLY B 147 -33.79 -37.06 -20.46
C GLY B 147 -32.78 -36.09 -19.87
N THR B 148 -31.51 -36.36 -20.17
CA THR B 148 -30.39 -35.54 -19.69
C THR B 148 -30.34 -35.52 -18.16
N ALA B 149 -30.07 -36.71 -17.60
CA ALA B 149 -29.93 -36.83 -16.16
C ALA B 149 -28.68 -36.09 -15.68
N SER B 150 -28.81 -35.40 -14.55
CA SER B 150 -27.75 -34.56 -14.02
C SER B 150 -27.24 -35.12 -12.70
N VAL B 151 -25.94 -34.93 -12.47
CA VAL B 151 -25.30 -35.26 -11.21
C VAL B 151 -24.61 -34.00 -10.71
N VAL B 152 -24.99 -33.51 -9.54
CA VAL B 152 -24.44 -32.28 -8.98
C VAL B 152 -23.67 -32.62 -7.72
N CYS B 153 -22.37 -32.37 -7.72
CA CYS B 153 -21.56 -32.49 -6.52
C CYS B 153 -21.40 -31.11 -5.89
N LEU B 154 -21.68 -31.02 -4.60
CA LEU B 154 -21.60 -29.76 -3.88
C LEU B 154 -20.54 -29.85 -2.80
N LEU B 155 -19.68 -28.82 -2.74
CA LEU B 155 -18.71 -28.59 -1.69
C LEU B 155 -19.11 -27.34 -0.93
N ASN B 156 -19.16 -27.45 0.41
CA ASN B 156 -19.62 -26.35 1.26
C ASN B 156 -18.53 -25.91 2.21
N ASN B 157 -18.35 -24.58 2.32
CA ASN B 157 -17.46 -23.96 3.30
C ASN B 157 -15.99 -24.40 3.10
N PHE B 158 -15.43 -23.96 1.98
CA PHE B 158 -13.99 -24.01 1.75
C PHE B 158 -13.46 -22.58 1.63
N TYR B 159 -12.31 -22.31 2.27
CA TYR B 159 -11.76 -20.96 2.35
C TYR B 159 -11.04 -20.53 1.07
N PRO B 160 -10.05 -21.27 0.59
CA PRO B 160 -9.33 -20.82 -0.60
C PRO B 160 -10.12 -21.07 -1.87
N ARG B 161 -9.84 -20.26 -2.89
CA ARG B 161 -10.49 -20.40 -4.19
C ARG B 161 -9.59 -21.21 -5.12
N GLU B 162 -9.51 -22.51 -4.82
CA GLU B 162 -8.78 -23.46 -5.66
C GLU B 162 -9.43 -24.82 -5.47
N ALA B 163 -10.31 -25.20 -6.40
CA ALA B 163 -11.09 -26.41 -6.27
C ALA B 163 -11.12 -27.14 -7.60
N LYS B 164 -10.79 -28.44 -7.57
CA LYS B 164 -10.93 -29.31 -8.72
C LYS B 164 -11.72 -30.54 -8.31
N VAL B 165 -12.53 -31.06 -9.23
CA VAL B 165 -13.36 -32.23 -8.97
C VAL B 165 -13.04 -33.29 -10.00
N GLN B 166 -12.75 -34.49 -9.53
CA GLN B 166 -12.54 -35.66 -10.38
C GLN B 166 -13.80 -36.50 -10.35
N TRP B 167 -14.38 -36.76 -11.52
CA TRP B 167 -15.63 -37.49 -11.65
C TRP B 167 -15.30 -38.94 -11.95
N LYS B 168 -15.09 -39.72 -10.90
CA LYS B 168 -14.77 -41.14 -11.04
C LYS B 168 -16.05 -41.96 -11.21
N VAL B 169 -16.89 -41.59 -12.18
CA VAL B 169 -18.12 -42.32 -12.42
C VAL B 169 -17.78 -43.64 -13.09
N ASP B 170 -18.34 -44.73 -12.56
CA ASP B 170 -17.99 -46.08 -13.02
C ASP B 170 -16.49 -46.32 -12.90
N ASN B 171 -15.87 -45.74 -11.86
CA ASN B 171 -14.43 -45.83 -11.66
C ASN B 171 -13.69 -45.00 -12.71
N ALA B 172 -12.36 -44.94 -12.59
CA ALA B 172 -11.51 -44.19 -13.51
C ALA B 172 -11.95 -42.73 -13.46
N LEU B 173 -12.31 -42.10 -14.58
CA LEU B 173 -12.73 -40.71 -14.58
C LEU B 173 -13.65 -40.47 -15.77
N GLN B 174 -14.40 -39.38 -15.71
CA GLN B 174 -15.30 -38.98 -16.78
C GLN B 174 -15.15 -37.48 -17.06
N SER B 175 -13.91 -37.04 -17.20
CA SER B 175 -13.66 -35.64 -17.54
C SER B 175 -14.38 -35.28 -18.84
N GLY B 176 -14.57 -33.98 -19.03
CA GLY B 176 -15.29 -33.50 -20.20
C GLY B 176 -16.51 -32.67 -19.83
N ASN B 177 -17.70 -33.23 -20.07
CA ASN B 177 -18.96 -32.52 -19.81
C ASN B 177 -19.18 -32.49 -18.29
N SER B 178 -18.44 -31.60 -17.63
CA SER B 178 -18.58 -31.39 -16.19
C SER B 178 -18.24 -29.93 -15.90
N GLN B 179 -19.28 -29.10 -15.81
CA GLN B 179 -19.06 -27.70 -15.55
C GLN B 179 -18.93 -27.44 -14.05
N GLU B 180 -18.32 -26.31 -13.70
CA GLU B 180 -18.10 -25.90 -12.33
C GLU B 180 -18.68 -24.51 -12.09
N SER B 181 -19.12 -24.27 -10.85
CA SER B 181 -19.58 -22.95 -10.44
C SER B 181 -19.20 -22.73 -8.99
N VAL B 182 -19.05 -21.45 -8.62
CA VAL B 182 -18.65 -21.08 -7.26
C VAL B 182 -19.35 -19.79 -6.89
N THR B 183 -19.64 -19.63 -5.60
CA THR B 183 -20.29 -18.43 -5.10
C THR B 183 -19.33 -17.24 -5.15
N GLU B 184 -19.92 -16.04 -5.17
CA GLU B 184 -19.13 -14.82 -5.32
C GLU B 184 -18.33 -14.53 -4.06
N GLN B 185 -19.01 -14.31 -2.94
CA GLN B 185 -18.34 -13.94 -1.70
C GLN B 185 -19.38 -13.95 -0.58
N ASP B 186 -18.91 -14.09 0.65
CA ASP B 186 -19.78 -14.23 1.81
C ASP B 186 -19.86 -12.98 2.67
N SER B 187 -18.97 -12.01 2.45
CA SER B 187 -18.92 -10.73 3.15
C SER B 187 -18.28 -10.86 4.53
N LYS B 188 -17.91 -12.06 4.97
CA LYS B 188 -17.25 -12.25 6.25
C LYS B 188 -15.96 -13.03 6.07
N ASP B 189 -15.95 -13.96 5.13
CA ASP B 189 -14.76 -14.74 4.82
C ASP B 189 -14.94 -15.35 3.44
N SER B 190 -13.83 -15.80 2.87
CA SER B 190 -13.85 -16.38 1.53
C SER B 190 -14.29 -17.84 1.58
N THR B 191 -15.43 -18.09 2.23
CA THR B 191 -15.93 -19.45 2.42
C THR B 191 -17.01 -19.71 1.36
N TYR B 192 -16.55 -19.95 0.14
CA TYR B 192 -17.45 -20.17 -0.98
C TYR B 192 -17.95 -21.61 -0.97
N SER B 193 -18.63 -22.00 -2.05
CA SER B 193 -19.05 -23.38 -2.26
C SER B 193 -18.92 -23.69 -3.74
N LEU B 194 -18.73 -24.97 -4.06
CA LEU B 194 -18.55 -25.39 -5.45
C LEU B 194 -19.70 -26.30 -5.85
N SER B 195 -20.26 -26.04 -7.03
CA SER B 195 -21.29 -26.90 -7.63
C SER B 195 -20.75 -27.41 -8.95
N SER B 196 -20.50 -28.72 -9.03
CA SER B 196 -19.97 -29.37 -10.22
C SER B 196 -21.09 -30.19 -10.85
N THR B 197 -21.50 -29.80 -12.04
CA THR B 197 -22.65 -30.39 -12.73
C THR B 197 -22.17 -31.25 -13.89
N LEU B 198 -22.62 -32.50 -13.91
CA LEU B 198 -22.31 -33.45 -14.98
C LEU B 198 -23.62 -33.89 -15.61
N THR B 199 -23.80 -33.58 -16.89
CA THR B 199 -25.01 -33.91 -17.63
C THR B 199 -24.74 -35.11 -18.53
N LEU B 200 -25.58 -36.15 -18.39
CA LEU B 200 -25.43 -37.36 -19.20
C LEU B 200 -26.79 -37.79 -19.71
N SER B 201 -26.84 -38.19 -20.97
CA SER B 201 -28.11 -38.59 -21.57
C SER B 201 -28.68 -39.80 -20.84
N LYS B 202 -30.01 -39.90 -20.85
CA LYS B 202 -30.67 -40.98 -20.12
C LYS B 202 -30.24 -42.34 -20.65
N ALA B 203 -30.15 -42.49 -21.98
CA ALA B 203 -29.76 -43.76 -22.55
C ALA B 203 -28.37 -44.18 -22.08
N ASP B 204 -27.41 -43.24 -22.08
CA ASP B 204 -26.06 -43.56 -21.63
C ASP B 204 -26.00 -43.84 -20.13
N TYR B 205 -27.00 -43.37 -19.37
CA TYR B 205 -26.97 -43.58 -17.92
C TYR B 205 -27.01 -45.06 -17.58
N GLU B 206 -27.84 -45.83 -18.28
CA GLU B 206 -27.93 -47.26 -18.01
C GLU B 206 -26.61 -47.94 -18.36
N LYS B 207 -26.38 -49.09 -17.71
CA LYS B 207 -25.14 -49.86 -17.82
C LYS B 207 -23.99 -49.20 -17.08
N HIS B 208 -24.27 -48.20 -16.24
CA HIS B 208 -23.27 -47.51 -15.46
C HIS B 208 -23.70 -47.45 -14.01
N LYS B 209 -22.74 -47.54 -13.10
CA LYS B 209 -23.03 -47.54 -11.68
C LYS B 209 -21.83 -46.99 -10.93
N VAL B 210 -22.05 -46.68 -9.65
CA VAL B 210 -21.00 -46.20 -8.76
C VAL B 210 -20.49 -44.86 -9.25
N TYR B 211 -21.35 -43.85 -9.26
CA TYR B 211 -20.91 -42.49 -9.55
C TYR B 211 -20.24 -41.91 -8.30
N ALA B 212 -19.39 -40.91 -8.51
CA ALA B 212 -18.70 -40.32 -7.38
C ALA B 212 -18.04 -39.01 -7.80
N CYS B 213 -17.68 -38.21 -6.81
CA CYS B 213 -17.00 -36.94 -7.05
C CYS B 213 -15.91 -36.76 -5.98
N GLU B 214 -14.66 -36.96 -6.37
CA GLU B 214 -13.52 -36.67 -5.53
C GLU B 214 -13.11 -35.21 -5.70
N VAL B 215 -12.44 -34.67 -4.69
CA VAL B 215 -12.11 -33.24 -4.66
C VAL B 215 -10.62 -33.08 -4.38
N THR B 216 -9.97 -32.25 -5.20
CA THR B 216 -8.63 -31.76 -4.94
C THR B 216 -8.76 -30.30 -4.52
N HIS B 217 -8.29 -29.99 -3.31
CA HIS B 217 -8.46 -28.68 -2.69
C HIS B 217 -7.69 -28.69 -1.38
N GLN B 218 -7.39 -27.49 -0.88
CA GLN B 218 -6.69 -27.34 0.39
C GLN B 218 -7.65 -27.56 1.56
N GLY B 219 -8.22 -28.77 1.59
CA GLY B 219 -9.09 -29.15 2.68
C GLY B 219 -8.33 -29.73 3.85
N LEU B 220 -7.09 -30.15 3.60
CA LEU B 220 -6.24 -30.73 4.63
C LEU B 220 -6.98 -31.88 5.34
N SER B 221 -7.63 -32.72 4.56
CA SER B 221 -8.47 -33.79 5.08
C SER B 221 -7.95 -35.14 4.63
N SER B 222 -8.49 -36.19 5.24
CA SER B 222 -8.14 -37.57 4.92
C SER B 222 -8.81 -37.96 3.60
N PRO B 223 -8.61 -39.20 3.11
CA PRO B 223 -9.24 -39.61 1.85
C PRO B 223 -10.71 -39.23 1.78
N VAL B 224 -11.07 -38.44 0.78
CA VAL B 224 -12.44 -37.98 0.59
C VAL B 224 -12.95 -38.63 -0.70
N THR B 225 -13.78 -39.66 -0.56
CA THR B 225 -14.36 -40.38 -1.69
C THR B 225 -15.87 -40.42 -1.49
N LYS B 226 -16.57 -39.48 -2.12
CA LYS B 226 -18.03 -39.40 -2.03
C LYS B 226 -18.61 -40.08 -3.26
N SER B 227 -19.17 -41.27 -3.06
CA SER B 227 -19.71 -42.10 -4.12
C SER B 227 -21.14 -42.51 -3.79
N PHE B 228 -22.04 -42.34 -4.77
CA PHE B 228 -23.41 -42.84 -4.70
C PHE B 228 -23.65 -43.78 -5.86
N ASN B 229 -24.57 -44.71 -5.66
CA ASN B 229 -24.85 -45.75 -6.64
C ASN B 229 -26.33 -46.10 -6.58
N ARG B 230 -26.69 -47.24 -7.17
CA ARG B 230 -28.04 -47.79 -7.23
C ARG B 230 -28.89 -47.11 -8.29
N GLY B 231 -28.36 -46.10 -8.98
CA GLY B 231 -29.05 -45.52 -10.12
C GLY B 231 -30.13 -44.53 -9.71
N GLU B 232 -30.86 -44.07 -10.74
CA GLU B 232 -31.93 -43.11 -10.51
C GLU B 232 -33.03 -43.72 -9.65
N CYS B 233 -33.40 -44.96 -9.92
CA CYS B 233 -34.44 -45.64 -9.15
C CYS B 233 -33.88 -46.88 -8.46
N CYS C 90 50.79 2.37 48.78
CA CYS C 90 52.11 2.30 48.09
C CYS C 90 52.89 3.61 48.29
N PRO C 91 54.15 3.52 48.73
CA PRO C 91 54.82 4.71 49.28
C PRO C 91 55.16 5.73 48.20
N GLU C 92 54.72 6.97 48.41
CA GLU C 92 55.22 8.14 47.69
C GLU C 92 55.19 7.94 46.18
N ARG C 93 54.24 7.13 45.69
CA ARG C 93 54.07 6.92 44.26
C ARG C 93 52.77 7.52 43.76
N MET C 94 51.64 7.14 44.35
CA MET C 94 50.35 7.72 44.04
C MET C 94 49.95 8.85 44.99
N ALA C 95 50.79 9.17 45.97
CA ALA C 95 50.44 10.18 46.95
C ALA C 95 50.26 11.54 46.30
N HIS C 96 51.27 11.99 45.56
CA HIS C 96 51.23 13.31 44.91
C HIS C 96 51.84 13.24 43.51
N CYS C 97 51.53 12.19 42.75
CA CYS C 97 52.03 12.10 41.39
C CYS C 97 51.48 13.26 40.57
N ARG C 98 50.17 13.24 40.32
CA ARG C 98 49.44 14.36 39.73
C ARG C 98 47.97 13.97 39.60
N PRO C 99 47.05 14.92 39.51
CA PRO C 99 45.65 14.55 39.25
C PRO C 99 45.49 13.91 37.89
N ILE C 100 44.50 13.03 37.78
CA ILE C 100 44.24 12.30 36.55
C ILE C 100 43.62 13.23 35.51
N ASP C 101 43.33 14.47 35.91
CA ASP C 101 42.70 15.44 35.03
C ASP C 101 43.66 16.59 34.75
N GLU C 102 44.91 16.26 34.42
CA GLU C 102 45.92 17.26 34.10
C GLU C 102 45.34 18.34 33.19
N PHE C 103 45.67 19.59 33.50
CA PHE C 103 45.10 20.73 32.80
C PHE C 103 45.65 20.81 31.37
N ALA C 104 45.25 21.87 30.67
CA ALA C 104 45.64 22.12 29.30
C ALA C 104 44.93 21.17 28.34
N GLN C 105 44.67 21.63 27.12
CA GLN C 105 43.97 20.83 26.12
C GLN C 105 44.72 20.98 24.80
N GLY C 106 44.12 20.47 23.73
CA GLY C 106 44.71 20.56 22.41
C GLY C 106 44.30 21.83 21.68
N TRP C 107 45.19 22.82 21.63
CA TRP C 107 44.86 24.09 21.00
C TRP C 107 44.63 23.96 19.50
N GLY C 108 45.11 22.89 18.88
CA GLY C 108 44.96 22.72 17.46
C GLY C 108 45.44 21.36 16.98
N PRO C 109 46.12 21.33 15.82
CA PRO C 109 46.58 20.04 15.27
C PRO C 109 47.52 19.33 16.22
N ILE C 110 47.48 18.00 16.16
CA ILE C 110 48.30 17.13 17.01
C ILE C 110 49.36 16.49 16.13
N THR C 111 50.62 16.58 16.57
CA THR C 111 51.74 16.00 15.84
C THR C 111 52.54 15.07 16.75
N TYR C 112 53.69 14.60 16.27
CA TYR C 112 54.54 13.68 17.01
C TYR C 112 55.65 14.44 17.72
N ALA C 113 56.12 13.88 18.83
CA ALA C 113 57.21 14.47 19.58
C ALA C 113 57.97 13.37 20.31
N GLU C 114 59.24 13.67 20.63
CA GLU C 114 60.10 12.75 21.38
C GLU C 114 60.96 13.62 22.29
N GLY C 115 60.51 13.81 23.53
CA GLY C 115 61.23 14.62 24.50
C GLY C 115 62.34 13.93 25.23
N HIS C 116 62.57 12.64 24.95
CA HIS C 116 63.61 11.87 25.64
C HIS C 116 63.37 11.83 27.14
N GLY C 117 62.10 11.80 27.52
CA GLY C 117 61.74 11.77 28.93
C GLY C 117 62.24 10.52 29.63
N SER C 118 62.92 10.70 30.76
CA SER C 118 63.45 9.57 31.52
C SER C 118 63.77 9.98 32.95
N PRO C 122 58.30 4.58 36.71
CA PRO C 122 56.98 4.88 36.15
C PRO C 122 55.84 4.40 37.05
N TYR C 123 55.79 4.92 38.28
CA TYR C 123 54.75 4.51 39.22
C TYR C 123 53.36 4.86 38.70
N CYS C 124 53.21 6.05 38.14
CA CYS C 124 51.94 6.53 37.62
C CYS C 124 52.04 6.78 36.13
N TRP C 125 50.88 6.87 35.48
CA TRP C 125 50.82 6.98 34.03
C TRP C 125 51.43 8.27 33.50
N HIS C 126 51.68 9.26 34.37
CA HIS C 126 52.33 10.50 33.96
C HIS C 126 53.81 10.21 33.75
N TYR C 127 54.11 9.62 32.58
CA TYR C 127 55.47 9.28 32.21
C TYR C 127 55.59 9.36 30.69
N ALA C 128 56.84 9.41 30.22
CA ALA C 128 57.13 9.48 28.80
C ALA C 128 58.16 8.42 28.47
N PRO C 129 57.83 7.42 27.66
CA PRO C 129 58.84 6.44 27.24
C PRO C 129 59.71 7.00 26.12
N ARG C 130 60.74 6.24 25.78
CA ARG C 130 61.69 6.62 24.74
C ARG C 130 61.87 5.46 23.76
N GLN C 131 62.06 5.81 22.49
CA GLN C 131 62.25 4.80 21.44
C GLN C 131 63.69 4.31 21.51
N CYS C 132 63.87 3.03 21.83
CA CYS C 132 65.17 2.42 21.92
C CYS C 132 65.27 1.30 20.88
N GLY C 133 66.35 1.30 20.11
CA GLY C 133 66.55 0.27 19.10
C GLY C 133 67.30 -0.93 19.65
N THR C 134 68.43 -1.26 19.05
CA THR C 134 69.24 -2.36 19.55
C THR C 134 69.68 -2.08 20.99
N ILE C 135 69.56 -3.09 21.84
CA ILE C 135 69.87 -2.94 23.26
C ILE C 135 70.84 -4.06 23.66
N PRO C 136 71.62 -3.84 24.72
CA PRO C 136 72.51 -4.90 25.22
C PRO C 136 71.74 -5.91 26.05
N ALA C 137 71.59 -7.12 25.53
CA ALA C 137 70.83 -8.18 26.20
C ALA C 137 71.67 -8.84 27.29
N SER C 138 72.16 -8.00 28.20
CA SER C 138 72.99 -8.45 29.32
C SER C 138 72.37 -8.12 30.66
N GLN C 139 71.94 -6.88 30.87
CA GLN C 139 71.36 -6.46 32.14
C GLN C 139 69.86 -6.68 32.22
N VAL C 140 69.21 -7.04 31.11
CA VAL C 140 67.77 -7.28 31.13
C VAL C 140 67.49 -8.51 31.97
N CYS C 141 66.53 -8.40 32.90
CA CYS C 141 66.18 -9.48 33.80
C CYS C 141 64.67 -9.66 33.81
N GLY C 142 64.25 -10.90 34.05
CA GLY C 142 62.85 -11.23 34.11
C GLY C 142 62.20 -11.26 32.74
N PRO C 143 60.87 -11.34 32.71
CA PRO C 143 60.17 -11.38 31.43
C PRO C 143 60.33 -10.07 30.66
N VAL C 144 60.19 -10.17 29.35
CA VAL C 144 60.28 -9.02 28.46
C VAL C 144 58.98 -8.90 27.67
N TYR C 145 57.87 -9.30 28.30
CA TYR C 145 56.57 -9.22 27.63
C TYR C 145 56.30 -7.79 27.18
N CYS C 146 55.85 -7.65 25.94
CA CYS C 146 55.61 -6.33 25.35
C CYS C 146 54.20 -6.26 24.80
N PHE C 147 53.66 -5.04 24.75
CA PHE C 147 52.23 -4.82 24.56
C PHE C 147 51.94 -4.48 23.10
N THR C 148 51.28 -5.42 22.44
CA THR C 148 50.92 -5.35 21.02
C THR C 148 49.76 -4.40 20.69
N PRO C 149 48.76 -4.19 21.56
CA PRO C 149 48.69 -4.38 23.03
C PRO C 149 48.63 -5.82 23.52
N SER C 150 48.02 -6.75 22.79
CA SER C 150 47.95 -8.14 23.27
C SER C 150 49.34 -8.58 23.71
N PRO C 151 49.58 -8.76 25.01
CA PRO C 151 50.95 -8.99 25.47
C PRO C 151 51.56 -10.23 24.85
N VAL C 152 52.82 -10.10 24.45
CA VAL C 152 53.57 -11.22 23.86
C VAL C 152 54.98 -11.21 24.45
N VAL C 153 55.46 -12.40 24.80
CA VAL C 153 56.80 -12.51 25.37
C VAL C 153 57.85 -12.20 24.30
N ASN C 178 63.55 -2.27 18.68
CA ASN C 178 62.98 -1.50 17.58
C ASN C 178 61.49 -1.81 17.42
N ASN C 179 60.71 -1.48 18.45
CA ASN C 179 59.28 -1.71 18.39
C ASN C 179 58.62 -0.82 17.34
N THR C 180 57.48 -1.27 16.85
CA THR C 180 56.78 -0.55 15.79
C THR C 180 55.29 -0.78 15.93
N ARG C 181 54.50 0.14 15.37
CA ARG C 181 53.06 0.06 15.46
C ARG C 181 52.54 -1.15 14.68
N PRO C 182 51.39 -1.70 15.06
CA PRO C 182 50.86 -2.88 14.37
C PRO C 182 50.70 -2.63 12.88
N PRO C 183 50.28 -1.43 12.47
CA PRO C 183 50.28 -1.14 11.03
C PRO C 183 51.63 -1.31 10.37
N GLN C 184 52.72 -1.04 11.11
CA GLN C 184 54.07 -1.21 10.61
C GLN C 184 54.80 -2.37 11.29
N GLY C 185 54.07 -3.34 11.82
CA GLY C 185 54.67 -4.50 12.44
C GLY C 185 55.20 -4.21 13.83
N ASN C 186 55.92 -5.19 14.37
CA ASN C 186 56.56 -5.07 15.69
C ASN C 186 55.47 -4.81 16.73
N TRP C 187 55.77 -4.02 17.75
CA TRP C 187 54.83 -3.73 18.83
C TRP C 187 54.95 -2.28 19.24
N PHE C 188 53.93 -1.78 19.95
CA PHE C 188 53.95 -0.41 20.42
C PHE C 188 55.15 -0.15 21.32
N GLY C 189 55.38 -1.03 22.28
CA GLY C 189 56.47 -0.86 23.22
C GLY C 189 56.26 -1.74 24.43
N CYS C 190 57.10 -1.49 25.44
CA CYS C 190 57.00 -2.24 26.68
C CYS C 190 57.99 -1.78 27.75
N THR C 191 57.91 -2.41 28.92
CA THR C 191 58.72 -2.07 30.07
C THR C 191 59.38 -3.33 30.60
N TRP C 192 60.44 -3.14 31.37
CA TRP C 192 61.16 -4.26 31.96
C TRP C 192 61.80 -3.85 33.28
N MET C 193 62.09 -4.86 34.11
CA MET C 193 62.81 -4.69 35.36
C MET C 193 64.20 -5.28 35.22
N ASN C 194 65.22 -4.52 35.60
CA ASN C 194 66.59 -4.96 35.43
C ASN C 194 67.48 -4.28 36.46
N SER C 195 68.68 -4.83 36.62
CA SER C 195 69.67 -4.28 37.55
C SER C 195 69.09 -4.38 38.96
N THR C 196 69.44 -3.42 39.83
CA THR C 196 69.00 -3.43 41.23
C THR C 196 67.70 -2.67 41.35
N GLY C 197 66.60 -3.35 41.01
CA GLY C 197 65.28 -2.79 41.17
C GLY C 197 65.06 -1.50 40.40
N PHE C 198 65.45 -1.48 39.12
CA PHE C 198 65.26 -0.34 38.25
C PHE C 198 64.32 -0.71 37.12
N THR C 199 63.33 0.15 36.86
CA THR C 199 62.36 -0.06 35.80
C THR C 199 62.72 0.78 34.59
N LYS C 200 62.62 0.18 33.41
CA LYS C 200 62.88 0.87 32.15
C LYS C 200 61.68 0.70 31.24
N THR C 201 61.45 1.71 30.39
CA THR C 201 60.32 1.73 29.49
C THR C 201 60.77 2.15 28.10
N CYS C 202 60.02 1.71 27.08
CA CYS C 202 60.33 2.05 25.70
C CYS C 202 59.06 1.90 24.88
N GLY C 203 59.05 2.54 23.72
CA GLY C 203 57.92 2.44 22.83
C GLY C 203 57.99 3.51 21.75
N GLY C 204 56.92 3.60 20.98
CA GLY C 204 56.80 4.61 19.96
C GLY C 204 56.98 5.99 20.55
N PRO C 205 57.13 6.99 19.69
CA PRO C 205 57.35 8.36 20.19
C PRO C 205 56.25 8.77 21.15
N PRO C 206 56.59 9.35 22.30
CA PRO C 206 55.55 9.73 23.26
C PRO C 206 54.59 10.74 22.64
N CYS C 207 53.34 10.33 22.49
CA CYS C 207 52.34 11.17 21.86
C CYS C 207 52.20 12.49 22.60
N ASN C 208 52.20 13.58 21.84
CA ASN C 208 52.08 14.93 22.38
C ASN C 208 50.91 15.65 21.73
N ILE C 209 50.30 16.55 22.48
CA ILE C 209 49.12 17.30 22.03
C ILE C 209 49.48 18.77 21.97
N GLY C 210 49.20 19.40 20.83
CA GLY C 210 49.48 20.80 20.65
C GLY C 210 48.58 21.69 21.49
N GLY C 211 49.16 22.40 22.45
CA GLY C 211 48.38 23.26 23.31
C GLY C 211 49.27 24.14 24.15
N VAL C 212 48.65 24.80 25.12
CA VAL C 212 49.35 25.69 26.03
C VAL C 212 49.01 25.30 27.47
N GLY C 213 49.90 25.65 28.38
CA GLY C 213 49.71 25.36 29.78
C GLY C 213 51.04 25.14 30.48
N ASN C 214 51.04 25.36 31.79
CA ASN C 214 52.25 25.16 32.58
C ASN C 214 52.64 23.68 32.60
N ASN C 215 51.66 22.79 32.63
CA ASN C 215 51.88 21.35 32.76
C ASN C 215 51.17 20.60 31.64
N THR C 216 51.38 21.06 30.40
CA THR C 216 50.76 20.41 29.25
C THR C 216 51.11 18.93 29.23
N LEU C 217 50.09 18.10 29.01
CA LEU C 217 50.26 16.65 29.08
C LEU C 217 50.87 16.15 27.77
N THR C 218 51.99 15.44 27.87
CA THR C 218 52.54 14.68 26.74
C THR C 218 51.94 13.29 26.83
N CYS C 219 50.76 13.13 26.25
CA CYS C 219 49.94 11.94 26.43
C CYS C 219 50.73 10.67 26.13
N PRO C 220 51.02 9.85 27.14
CA PRO C 220 51.61 8.53 26.88
C PRO C 220 50.61 7.41 26.66
N THR C 221 49.33 7.74 26.58
CA THR C 221 48.27 6.75 26.41
C THR C 221 47.05 7.46 25.82
N ASP C 222 45.90 6.80 25.84
CA ASP C 222 44.69 7.41 25.35
C ASP C 222 44.22 8.50 26.29
N CYS C 223 43.81 9.63 25.71
CA CYS C 223 43.35 10.79 26.49
C CYS C 223 42.32 11.51 25.63
N PHE C 224 41.04 11.23 25.88
CA PHE C 224 39.99 11.77 25.04
C PHE C 224 39.62 13.19 25.44
N ARG C 225 39.30 13.40 26.72
CA ARG C 225 38.73 14.67 27.16
C ARG C 225 39.68 15.83 26.85
N LYS C 226 40.96 15.66 27.15
CA LYS C 226 41.92 16.74 26.90
C LYS C 226 42.14 16.98 25.41
N HIS C 227 41.85 16.00 24.56
CA HIS C 227 42.04 16.15 23.13
C HIS C 227 41.12 15.21 22.38
N PRO C 228 40.15 15.73 21.61
CA PRO C 228 39.18 14.81 20.97
C PRO C 228 39.82 13.78 20.06
N GLU C 229 40.88 14.14 19.35
CA GLU C 229 41.51 13.25 18.37
C GLU C 229 42.74 12.65 19.04
N ALA C 230 42.54 11.53 19.74
CA ALA C 230 43.66 10.74 20.26
C ALA C 230 43.15 9.30 20.41
N THR C 231 43.46 8.47 19.41
CA THR C 231 43.10 7.06 19.43
C THR C 231 44.34 6.25 19.77
N TYR C 232 44.15 5.18 20.55
CA TYR C 232 45.30 4.47 21.11
C TYR C 232 46.31 4.11 20.04
N THR C 233 45.85 3.55 18.92
CA THR C 233 46.75 3.08 17.89
C THR C 233 47.64 4.19 17.34
N LYS C 234 47.23 5.45 17.49
CA LYS C 234 47.98 6.58 16.95
C LYS C 234 48.59 7.45 18.04
N CYS C 235 48.22 7.26 19.31
CA CYS C 235 48.64 8.16 20.37
C CYS C 235 49.01 7.42 21.65
N GLY C 236 49.34 6.14 21.57
CA GLY C 236 49.70 5.38 22.75
C GLY C 236 51.01 4.64 22.55
N SER C 237 51.74 4.48 23.64
CA SER C 237 53.03 3.80 23.63
C SER C 237 53.05 2.57 24.53
N GLY C 238 52.70 2.71 25.80
CA GLY C 238 52.86 1.64 26.76
C GLY C 238 51.59 0.84 26.97
N PRO C 239 51.46 0.21 28.14
CA PRO C 239 50.28 -0.60 28.44
C PRO C 239 49.08 0.15 29.01
N TRP C 240 49.11 1.49 29.02
CA TRP C 240 48.01 2.26 29.56
C TRP C 240 46.98 2.50 28.47
N LEU C 241 45.84 1.80 28.58
CA LEU C 241 44.73 2.03 27.65
C LEU C 241 44.09 3.38 27.91
N THR C 242 43.62 3.60 29.12
CA THR C 242 43.03 4.85 29.56
C THR C 242 43.71 5.27 30.86
N PRO C 243 43.65 6.56 31.21
CA PRO C 243 44.41 7.05 32.37
C PRO C 243 44.26 6.19 33.61
N ARG C 244 43.19 5.41 33.70
CA ARG C 244 42.90 4.56 34.85
C ARG C 244 42.59 3.14 34.39
N CYS C 245 43.40 2.62 33.48
CA CYS C 245 43.25 1.25 33.01
C CYS C 245 44.61 0.69 32.62
N LEU C 246 44.73 -0.63 32.72
CA LEU C 246 45.98 -1.32 32.42
C LEU C 246 45.66 -2.66 31.79
N VAL C 247 46.57 -3.16 30.95
CA VAL C 247 46.41 -4.46 30.32
C VAL C 247 47.03 -5.49 31.26
N ASP C 248 46.17 -6.26 31.93
CA ASP C 248 46.62 -7.18 32.96
C ASP C 248 47.46 -8.30 32.35
N TYR C 249 48.46 -8.73 33.12
CA TYR C 249 49.31 -9.85 32.76
C TYR C 249 50.04 -10.31 34.02
N PRO C 250 50.69 -11.48 33.99
CA PRO C 250 51.23 -12.03 35.24
C PRO C 250 52.15 -11.09 36.00
N TYR C 251 52.98 -10.31 35.31
CA TYR C 251 53.94 -9.43 35.96
C TYR C 251 53.42 -8.00 36.13
N ARG C 252 52.12 -7.78 35.86
CA ARG C 252 51.56 -6.44 36.01
C ARG C 252 51.77 -5.90 37.42
N LEU C 253 51.47 -6.72 38.43
CA LEU C 253 51.71 -6.29 39.80
C LEU C 253 53.20 -6.15 40.09
N TRP C 254 54.01 -7.05 39.53
CA TRP C 254 55.46 -6.95 39.73
C TRP C 254 56.00 -5.63 39.22
N HIS C 255 55.34 -5.03 38.23
CA HIS C 255 55.83 -3.79 37.62
C HIS C 255 55.16 -2.54 38.18
N TYR C 256 53.89 -2.62 38.53
CA TYR C 256 53.12 -1.47 39.02
C TYR C 256 52.46 -1.87 40.33
N PRO C 257 53.22 -1.91 41.44
CA PRO C 257 52.65 -2.35 42.71
C PRO C 257 51.61 -1.39 43.29
N CYS C 258 51.37 -0.25 42.66
CA CYS C 258 50.42 0.74 43.16
C CYS C 258 49.01 0.49 42.65
N THR C 259 48.79 -0.58 41.88
CA THR C 259 47.54 -0.84 41.18
C THR C 259 46.93 -2.17 41.59
N VAL C 260 46.94 -2.46 42.90
CA VAL C 260 46.40 -3.72 43.38
C VAL C 260 44.87 -3.70 43.38
N ASN C 261 44.27 -2.56 43.73
CA ASN C 261 42.83 -2.50 43.95
C ASN C 261 42.01 -2.49 42.68
N PHE C 262 42.63 -2.31 41.51
CA PHE C 262 41.87 -2.18 40.28
C PHE C 262 41.10 -3.47 39.98
N THR C 263 39.89 -3.31 39.46
CA THR C 263 39.01 -4.44 39.16
C THR C 263 39.20 -4.87 37.72
N ILE C 264 39.12 -6.19 37.50
CA ILE C 264 39.34 -6.77 36.18
C ILE C 264 38.05 -6.73 35.38
N PHE C 265 38.20 -6.63 34.05
CA PHE C 265 37.08 -6.62 33.13
C PHE C 265 37.54 -7.24 31.82
N LYS C 266 36.59 -7.51 30.93
CA LYS C 266 36.89 -8.05 29.61
C LYS C 266 36.47 -7.05 28.55
N VAL C 267 37.37 -6.75 27.62
CA VAL C 267 37.15 -5.70 26.63
C VAL C 267 37.61 -6.19 25.26
N ARG C 268 37.08 -5.54 24.22
CA ARG C 268 37.42 -5.82 22.84
C ARG C 268 37.97 -4.54 22.21
N MET C 269 39.18 -4.61 21.68
CA MET C 269 39.84 -3.47 21.05
C MET C 269 40.00 -3.74 19.56
N TYR C 270 39.54 -2.80 18.73
CA TYR C 270 39.68 -2.92 17.29
C TYR C 270 40.84 -2.03 16.86
N VAL C 271 42.00 -2.64 16.64
CA VAL C 271 43.19 -1.94 16.16
C VAL C 271 43.30 -2.20 14.67
N GLY C 272 43.25 -1.15 13.87
CA GLY C 272 43.12 -1.32 12.44
C GLY C 272 41.83 -2.03 12.13
N GLY C 273 41.94 -3.30 11.72
CA GLY C 273 40.77 -4.12 11.51
C GLY C 273 40.79 -5.37 12.38
N VAL C 274 41.87 -5.54 13.15
CA VAL C 274 42.07 -6.72 13.97
C VAL C 274 41.41 -6.50 15.32
N GLU C 275 40.64 -7.49 15.77
CA GLU C 275 39.94 -7.44 17.04
C GLU C 275 40.73 -8.24 18.08
N HIS C 276 41.01 -7.61 19.21
CA HIS C 276 41.72 -8.23 20.32
C HIS C 276 40.76 -8.33 21.50
N ARG C 277 40.56 -9.53 22.01
CA ARG C 277 39.75 -9.77 23.20
C ARG C 277 40.68 -9.94 24.38
N LEU C 278 40.73 -8.94 25.26
CA LEU C 278 41.70 -8.97 26.34
C LEU C 278 41.07 -8.44 27.62
N ASN C 279 41.61 -8.89 28.75
CA ASN C 279 41.17 -8.39 30.06
C ASN C 279 41.97 -7.15 30.44
N ALA C 280 41.26 -6.18 31.02
CA ALA C 280 41.84 -4.91 31.43
C ALA C 280 41.43 -4.61 32.87
N ALA C 281 42.37 -4.11 33.66
CA ALA C 281 42.12 -3.75 35.04
C ALA C 281 41.96 -2.25 35.14
N CYS C 282 40.82 -1.81 35.65
CA CYS C 282 40.52 -0.39 35.81
C CYS C 282 39.97 -0.14 37.22
N ASN C 283 40.24 1.05 37.73
CA ASN C 283 39.72 1.44 39.03
C ASN C 283 38.23 1.69 38.94
N ILE C 284 37.51 1.38 40.02
CA ILE C 284 36.08 1.59 40.08
C ILE C 284 35.61 1.50 41.53
N SER D 25 -50.04 -9.66 -28.17
CA SER D 25 -48.89 -10.56 -27.88
C SER D 25 -49.09 -11.92 -28.54
N GLY D 26 -48.05 -12.74 -28.49
CA GLY D 26 -48.11 -14.09 -29.03
C GLY D 26 -47.87 -15.16 -27.99
N ALA D 27 -46.70 -15.80 -28.03
CA ALA D 27 -46.33 -16.85 -27.09
C ALA D 27 -45.18 -16.34 -26.25
N GLU D 28 -45.52 -15.68 -25.13
CA GLU D 28 -44.49 -15.21 -24.22
C GLU D 28 -43.62 -16.34 -23.71
N VAL D 29 -44.16 -17.56 -23.64
CA VAL D 29 -43.45 -18.73 -23.16
C VAL D 29 -43.42 -19.76 -24.27
N LYS D 30 -42.25 -20.35 -24.51
CA LYS D 30 -42.10 -21.42 -25.48
C LYS D 30 -41.08 -22.43 -24.93
N LYS D 31 -40.82 -23.45 -25.72
CA LYS D 31 -39.89 -24.51 -25.35
C LYS D 31 -39.04 -24.85 -26.57
N PRO D 32 -37.85 -25.42 -26.37
CA PRO D 32 -36.99 -25.74 -27.52
C PRO D 32 -37.68 -26.68 -28.48
N GLY D 33 -37.52 -26.40 -29.77
CA GLY D 33 -38.07 -27.24 -30.82
C GLY D 33 -39.54 -27.03 -31.11
N SER D 34 -40.22 -26.16 -30.38
CA SER D 34 -41.64 -25.92 -30.58
C SER D 34 -41.83 -24.76 -31.55
N SER D 35 -43.07 -24.26 -31.66
CA SER D 35 -43.39 -23.19 -32.60
C SER D 35 -44.12 -22.07 -31.88
N VAL D 36 -44.11 -20.90 -32.50
CA VAL D 36 -44.79 -19.71 -32.00
C VAL D 36 -45.72 -19.18 -33.08
N LYS D 37 -46.87 -18.66 -32.67
CA LYS D 37 -47.78 -17.96 -33.56
C LYS D 37 -48.06 -16.59 -32.97
N VAL D 38 -47.81 -15.55 -33.75
CA VAL D 38 -47.97 -14.17 -33.32
C VAL D 38 -49.02 -13.52 -34.20
N SER D 39 -50.01 -12.88 -33.58
CA SER D 39 -51.12 -12.27 -34.28
C SER D 39 -50.91 -10.76 -34.34
N CYS D 40 -50.96 -10.20 -35.55
CA CYS D 40 -50.82 -8.76 -35.76
C CYS D 40 -52.10 -8.27 -36.42
N ARG D 41 -52.83 -7.41 -35.72
CA ARG D 41 -54.09 -6.85 -36.21
C ARG D 41 -53.86 -5.41 -36.64
N ALA D 42 -54.22 -5.10 -37.89
CA ALA D 42 -54.06 -3.76 -38.42
C ALA D 42 -55.11 -2.82 -37.84
N GLY D 51 -48.16 -4.88 -47.41
CA GLY D 51 -47.39 -6.05 -47.06
C GLY D 51 -46.77 -5.95 -45.68
N ILE D 52 -47.03 -6.95 -44.85
CA ILE D 52 -46.56 -6.97 -43.48
C ILE D 52 -45.19 -7.65 -43.44
N THR D 53 -44.24 -7.01 -42.75
CA THR D 53 -42.88 -7.52 -42.63
C THR D 53 -42.56 -7.74 -41.16
N TRP D 54 -42.05 -8.93 -40.85
CA TRP D 54 -41.65 -9.28 -39.50
C TRP D 54 -40.17 -9.02 -39.32
N VAL D 55 -39.82 -8.24 -38.30
CA VAL D 55 -38.46 -7.77 -38.07
C VAL D 55 -38.09 -8.07 -36.63
N ARG D 56 -37.08 -8.91 -36.42
CA ARG D 56 -36.68 -9.33 -35.09
C ARG D 56 -35.45 -8.57 -34.62
N GLN D 57 -35.21 -8.64 -33.31
CA GLN D 57 -34.03 -8.03 -32.71
C GLN D 57 -33.84 -8.61 -31.32
N ALA D 58 -32.62 -9.04 -31.01
CA ALA D 58 -32.32 -9.64 -29.71
C ALA D 58 -32.44 -8.59 -28.63
N PRO D 59 -32.30 -8.95 -27.34
CA PRO D 59 -32.44 -7.95 -26.28
C PRO D 59 -31.58 -6.72 -26.51
N GLY D 60 -30.26 -6.90 -26.60
CA GLY D 60 -29.38 -5.84 -27.07
C GLY D 60 -28.56 -6.31 -28.24
N GLN D 61 -28.88 -5.79 -29.42
CA GLN D 61 -28.27 -6.22 -30.68
C GLN D 61 -28.77 -5.27 -31.77
N GLY D 62 -28.41 -5.56 -33.02
CA GLY D 62 -28.93 -4.81 -34.13
C GLY D 62 -30.17 -5.44 -34.75
N LEU D 63 -30.94 -4.62 -35.45
CA LEU D 63 -32.14 -5.11 -36.11
C LEU D 63 -31.79 -6.13 -37.17
N GLU D 64 -32.66 -7.13 -37.33
CA GLU D 64 -32.49 -8.19 -38.32
C GLU D 64 -33.77 -8.32 -39.12
N TRP D 65 -33.64 -8.93 -40.30
CA TRP D 65 -34.75 -9.10 -41.23
C TRP D 65 -35.24 -10.54 -41.19
N VAL D 66 -36.55 -10.72 -40.93
CA VAL D 66 -37.13 -12.05 -40.84
C VAL D 66 -37.84 -12.38 -42.15
N GLY D 67 -38.76 -11.52 -42.56
CA GLY D 67 -39.45 -11.72 -43.82
C GLY D 67 -40.65 -10.80 -43.95
N GLY D 68 -41.19 -10.78 -45.15
CA GLY D 68 -42.37 -9.97 -45.43
C GLY D 68 -43.26 -10.65 -46.45
N ILE D 69 -44.55 -10.39 -46.32
CA ILE D 69 -45.58 -10.96 -47.20
C ILE D 69 -46.52 -9.84 -47.61
N VAL D 70 -46.94 -9.87 -48.87
CA VAL D 70 -47.85 -8.88 -49.42
C VAL D 70 -49.21 -9.54 -49.61
N PRO D 71 -50.29 -9.03 -48.98
CA PRO D 71 -51.61 -9.63 -49.17
C PRO D 71 -52.28 -9.17 -50.47
N ASN D 77 -41.40 -13.27 -49.28
CA ASN D 77 -39.95 -13.36 -49.36
C ASN D 77 -39.34 -13.62 -47.98
N TYR D 78 -38.45 -14.61 -47.92
CA TYR D 78 -37.81 -15.02 -46.68
C TYR D 78 -36.31 -14.90 -46.82
N ALA D 79 -35.66 -14.39 -45.77
CA ALA D 79 -34.22 -14.16 -45.81
C ALA D 79 -33.48 -15.49 -46.01
N GLN D 80 -32.18 -15.38 -46.25
CA GLN D 80 -31.38 -16.56 -46.55
C GLN D 80 -31.39 -17.54 -45.38
N LYS D 81 -31.21 -17.04 -44.16
CA LYS D 81 -31.21 -17.88 -42.98
C LYS D 81 -32.60 -18.08 -42.38
N PHE D 82 -33.60 -17.34 -42.86
CA PHE D 82 -34.97 -17.44 -42.37
C PHE D 82 -35.86 -18.17 -43.38
N GLN D 83 -35.29 -19.14 -44.08
CA GLN D 83 -36.01 -19.96 -45.04
C GLN D 83 -35.74 -21.43 -44.73
N ASP D 84 -36.75 -22.26 -44.99
CA ASP D 84 -36.77 -23.69 -44.69
C ASP D 84 -37.04 -23.93 -43.21
N ARG D 85 -37.25 -22.89 -42.41
CA ARG D 85 -37.57 -23.03 -41.00
C ARG D 85 -38.73 -22.16 -40.54
N VAL D 86 -39.17 -21.20 -41.34
CA VAL D 86 -40.24 -20.27 -40.98
C VAL D 86 -41.28 -20.27 -42.09
N ALA D 87 -42.54 -20.11 -41.70
CA ALA D 87 -43.64 -19.99 -42.64
C ALA D 87 -44.42 -18.71 -42.32
N ILE D 88 -44.66 -17.90 -43.34
CA ILE D 88 -45.40 -16.65 -43.21
C ILE D 88 -46.75 -16.81 -43.88
N THR D 89 -47.82 -16.44 -43.18
CA THR D 89 -49.16 -16.57 -43.71
C THR D 89 -50.01 -15.40 -43.21
N ALA D 90 -51.02 -15.05 -43.98
CA ALA D 90 -51.94 -13.98 -43.61
C ALA D 90 -53.30 -14.17 -44.28
N THR D 96 -55.56 -10.40 -41.35
CA THR D 96 -54.57 -10.62 -40.29
C THR D 96 -53.37 -11.40 -40.83
N ALA D 97 -52.21 -11.18 -40.23
CA ALA D 97 -50.98 -11.86 -40.62
C ALA D 97 -50.38 -12.54 -39.40
N TYR D 98 -49.95 -13.78 -39.57
CA TYR D 98 -49.34 -14.55 -38.50
C TYR D 98 -48.06 -15.19 -39.01
N MET D 99 -47.06 -15.26 -38.15
CA MET D 99 -45.77 -15.86 -38.46
C MET D 99 -45.60 -17.14 -37.66
N GLU D 100 -45.31 -18.24 -38.35
CA GLU D 100 -45.21 -19.56 -37.74
C GLU D 100 -43.74 -19.97 -37.75
N LEU D 101 -43.01 -19.59 -36.71
CA LEU D 101 -41.62 -19.97 -36.55
C LEU D 101 -41.57 -21.34 -35.89
N SER D 102 -40.75 -22.23 -36.45
CA SER D 102 -40.61 -23.59 -35.95
C SER D 102 -39.13 -23.88 -35.65
N SER D 103 -38.91 -24.98 -34.94
CA SER D 103 -37.56 -25.41 -34.55
C SER D 103 -36.88 -24.32 -33.71
N LEU D 104 -37.47 -24.09 -32.55
CA LEU D 104 -37.00 -23.04 -31.65
C LEU D 104 -35.57 -23.31 -31.20
N ARG D 105 -34.80 -22.24 -31.04
CA ARG D 105 -33.42 -22.33 -30.55
C ARG D 105 -33.18 -21.23 -29.54
N PHE D 106 -32.18 -21.44 -28.67
CA PHE D 106 -31.91 -20.50 -27.59
C PHE D 106 -31.40 -19.15 -28.09
N ASP D 107 -31.03 -19.04 -29.36
CA ASP D 107 -30.69 -17.76 -29.95
C ASP D 107 -31.90 -17.03 -30.51
N ASP D 108 -33.09 -17.62 -30.39
CA ASP D 108 -34.29 -17.05 -30.99
C ASP D 108 -34.94 -15.97 -30.15
N THR D 109 -34.53 -15.80 -28.89
CA THR D 109 -35.12 -14.77 -28.04
C THR D 109 -34.96 -13.41 -28.71
N ALA D 110 -36.10 -12.76 -28.98
CA ALA D 110 -36.08 -11.47 -29.66
C ALA D 110 -37.46 -10.83 -29.49
N VAL D 111 -37.64 -9.69 -30.14
CA VAL D 111 -38.88 -8.92 -30.08
C VAL D 111 -39.39 -8.86 -31.51
N TYR D 112 -40.23 -9.81 -31.89
CA TYR D 112 -40.66 -9.97 -33.29
C TYR D 112 -41.69 -8.90 -33.60
N TYR D 113 -41.21 -7.69 -33.85
CA TYR D 113 -42.07 -6.55 -34.12
C TYR D 113 -42.99 -6.83 -35.30
N CYS D 114 -44.01 -5.99 -35.46
CA CYS D 114 -44.87 -6.02 -36.64
C CYS D 114 -44.75 -4.70 -37.36
N ALA D 115 -44.53 -4.75 -38.66
CA ALA D 115 -44.41 -3.54 -39.46
C ALA D 115 -44.83 -3.85 -40.89
N ARG D 116 -45.21 -2.81 -41.61
CA ARG D 116 -45.63 -2.90 -43.00
C ARG D 116 -44.57 -2.25 -43.90
N GLU D 117 -44.83 -2.26 -45.20
CA GLU D 117 -43.95 -1.67 -46.19
C GLU D 117 -44.68 -0.58 -46.94
N ALA D 118 -44.00 0.55 -47.13
CA ALA D 118 -44.63 1.70 -47.78
C ALA D 118 -45.06 1.38 -49.21
N ASP D 119 -44.19 0.69 -49.95
CA ASP D 119 -44.44 0.36 -51.35
C ASP D 119 -44.39 -1.15 -51.53
N ILE D 120 -45.33 -1.67 -52.34
CA ILE D 120 -45.37 -3.10 -52.60
C ILE D 120 -44.13 -3.51 -53.39
N VAL D 121 -43.46 -4.55 -52.93
CA VAL D 121 -42.24 -5.05 -53.55
C VAL D 121 -42.41 -6.54 -53.82
N VAL D 122 -42.03 -6.97 -55.02
CA VAL D 122 -42.14 -8.37 -55.42
C VAL D 122 -40.75 -8.98 -55.36
N GLY D 123 -40.58 -9.97 -54.50
CA GLY D 123 -39.30 -10.65 -54.34
C GLY D 123 -38.28 -9.89 -53.53
N GLY D 124 -38.62 -8.73 -52.98
CA GLY D 124 -37.69 -7.93 -52.22
C GLY D 124 -38.33 -7.27 -51.01
N SER D 125 -37.65 -6.30 -50.43
CA SER D 125 -38.11 -5.60 -49.23
C SER D 125 -38.21 -4.11 -49.51
N SER D 126 -38.51 -3.35 -48.46
CA SER D 126 -38.69 -1.91 -48.56
C SER D 126 -38.25 -1.30 -47.24
N TYR D 127 -38.63 -0.04 -47.00
CA TYR D 127 -38.35 0.66 -45.76
C TYR D 127 -39.59 0.61 -44.88
N PHE D 128 -39.45 0.05 -43.68
CA PHE D 128 -40.59 -0.14 -42.78
C PHE D 128 -41.05 1.22 -42.27
N ASP D 129 -42.26 1.63 -42.65
CA ASP D 129 -42.75 2.96 -42.30
C ASP D 129 -43.34 2.98 -40.88
N SER D 130 -44.40 2.21 -40.66
CA SER D 130 -45.09 2.15 -39.38
C SER D 130 -44.95 0.75 -38.81
N TRP D 131 -44.59 0.66 -37.54
CA TRP D 131 -44.30 -0.61 -36.88
C TRP D 131 -45.43 -0.96 -35.93
N GLY D 132 -45.26 -2.07 -35.20
CA GLY D 132 -46.25 -2.54 -34.27
C GLY D 132 -45.62 -2.87 -32.93
N GLN D 133 -46.48 -3.03 -31.93
CA GLN D 133 -46.00 -3.32 -30.59
C GLN D 133 -45.25 -4.65 -30.57
N GLY D 134 -44.20 -4.70 -29.76
CA GLY D 134 -43.34 -5.86 -29.71
C GLY D 134 -43.95 -6.94 -28.84
N THR D 135 -44.20 -8.09 -29.43
CA THR D 135 -44.65 -9.28 -28.70
C THR D 135 -43.38 -9.92 -28.16
N LEU D 136 -43.13 -9.72 -26.86
CA LEU D 136 -41.88 -10.18 -26.29
C LEU D 136 -41.88 -11.70 -26.33
N VAL D 137 -41.71 -12.26 -27.52
CA VAL D 137 -41.81 -13.70 -27.68
C VAL D 137 -40.50 -14.18 -27.10
N THR D 138 -40.48 -14.30 -25.78
CA THR D 138 -39.28 -14.59 -25.01
C THR D 138 -38.95 -16.06 -25.20
N VAL D 139 -38.19 -16.41 -26.24
CA VAL D 139 -38.08 -17.83 -26.54
C VAL D 139 -37.26 -18.39 -25.39
N THR D 140 -37.98 -18.71 -24.32
CA THR D 140 -37.41 -19.04 -23.03
C THR D 140 -38.01 -20.36 -22.56
N LYS D 141 -37.14 -21.33 -22.27
CA LYS D 141 -37.61 -22.52 -21.59
C LYS D 141 -37.85 -22.14 -20.13
N GLY D 142 -39.10 -21.86 -19.78
CA GLY D 142 -39.41 -21.46 -18.43
C GLY D 142 -38.77 -22.43 -17.46
N PRO D 143 -38.36 -21.94 -16.29
CA PRO D 143 -37.52 -22.77 -15.42
C PRO D 143 -38.20 -24.08 -15.09
N SER D 144 -37.43 -25.17 -15.16
CA SER D 144 -37.95 -26.52 -14.97
C SER D 144 -37.33 -27.05 -13.68
N VAL D 145 -38.04 -26.83 -12.57
CA VAL D 145 -37.50 -27.23 -11.28
C VAL D 145 -37.48 -28.75 -11.18
N PHE D 146 -36.65 -29.25 -10.26
CA PHE D 146 -36.57 -30.66 -9.97
C PHE D 146 -36.32 -30.81 -8.48
N PRO D 147 -36.73 -31.92 -7.88
CA PRO D 147 -36.47 -32.12 -6.45
C PRO D 147 -35.12 -32.76 -6.18
N LEU D 148 -34.23 -32.06 -5.47
CA LEU D 148 -32.96 -32.63 -5.03
C LEU D 148 -33.16 -33.17 -3.62
N ALA D 149 -33.28 -34.49 -3.51
CA ALA D 149 -33.49 -35.12 -2.22
C ALA D 149 -32.22 -35.07 -1.38
N PRO D 150 -32.34 -35.27 -0.06
CA PRO D 150 -31.13 -35.35 0.77
C PRO D 150 -30.39 -36.67 0.58
N GLY D 158 -29.37 -34.91 11.60
CA GLY D 158 -29.27 -33.50 11.94
C GLY D 158 -29.25 -32.61 10.71
N THR D 159 -28.27 -31.72 10.63
CA THR D 159 -28.18 -30.81 9.50
C THR D 159 -28.08 -31.60 8.20
N ALA D 160 -28.91 -31.22 7.23
CA ALA D 160 -28.89 -31.82 5.91
C ALA D 160 -28.99 -30.70 4.88
N ALA D 161 -28.46 -30.96 3.69
CA ALA D 161 -28.43 -29.98 2.62
C ALA D 161 -29.42 -30.39 1.54
N LEU D 162 -30.36 -29.50 1.24
CA LEU D 162 -31.37 -29.71 0.23
C LEU D 162 -31.21 -28.66 -0.86
N GLY D 163 -32.08 -28.71 -1.86
CA GLY D 163 -32.04 -27.75 -2.93
C GLY D 163 -32.94 -28.18 -4.07
N CYS D 164 -32.93 -27.36 -5.11
CA CYS D 164 -33.62 -27.67 -6.35
C CYS D 164 -32.78 -27.15 -7.51
N LEU D 165 -32.65 -27.96 -8.54
CA LEU D 165 -31.79 -27.67 -9.69
C LEU D 165 -32.65 -27.20 -10.85
N VAL D 166 -32.49 -25.94 -11.23
CA VAL D 166 -33.24 -25.34 -12.33
C VAL D 166 -32.33 -25.30 -13.55
N LYS D 167 -32.80 -25.88 -14.66
CA LYS D 167 -32.04 -25.87 -15.90
C LYS D 167 -32.94 -25.39 -17.04
N ASP D 168 -32.31 -25.18 -18.19
CA ASP D 168 -33.00 -24.69 -19.38
C ASP D 168 -33.69 -23.36 -19.09
N TYR D 169 -32.87 -22.35 -18.77
CA TYR D 169 -33.34 -20.99 -18.49
C TYR D 169 -32.53 -20.04 -19.37
N PHE D 170 -33.02 -19.78 -20.59
CA PHE D 170 -32.24 -18.96 -21.53
C PHE D 170 -32.05 -17.55 -21.01
N PRO D 171 -33.09 -16.73 -20.85
CA PRO D 171 -32.89 -15.40 -20.27
C PRO D 171 -32.31 -15.51 -18.87
N GLU D 172 -31.33 -14.64 -18.59
CA GLU D 172 -30.62 -14.73 -17.32
C GLU D 172 -31.50 -14.54 -16.10
N PRO D 173 -32.44 -13.57 -16.06
CA PRO D 173 -33.17 -13.29 -14.81
C PRO D 173 -33.80 -14.51 -14.17
N VAL D 174 -33.39 -14.82 -12.95
CA VAL D 174 -33.96 -15.91 -12.16
C VAL D 174 -33.83 -15.55 -10.70
N THR D 175 -34.88 -15.84 -9.91
CA THR D 175 -34.87 -15.58 -8.48
C THR D 175 -35.37 -16.82 -7.74
N VAL D 176 -34.66 -17.20 -6.68
CA VAL D 176 -34.98 -18.39 -5.89
C VAL D 176 -35.34 -17.94 -4.49
N SER D 177 -36.42 -18.49 -3.95
CA SER D 177 -36.85 -18.22 -2.59
C SER D 177 -37.19 -19.56 -1.91
N TRP D 178 -37.22 -19.53 -0.58
CA TRP D 178 -37.38 -20.76 0.21
C TRP D 178 -38.43 -20.53 1.29
N ASN D 179 -39.48 -21.35 1.28
CA ASN D 179 -40.55 -21.27 2.28
C ASN D 179 -41.20 -19.89 2.29
N SER D 180 -41.43 -19.34 1.11
CA SER D 180 -42.07 -18.02 0.95
C SER D 180 -41.27 -16.92 1.66
N GLY D 181 -39.96 -17.14 1.81
CA GLY D 181 -39.11 -16.20 2.49
C GLY D 181 -38.80 -16.64 3.90
N ALA D 182 -37.64 -17.27 4.09
CA ALA D 182 -37.22 -17.77 5.39
C ALA D 182 -35.86 -18.42 5.21
N LEU D 183 -35.25 -18.82 6.33
CA LEU D 183 -33.94 -19.45 6.34
C LEU D 183 -32.93 -18.61 5.56
N THR D 184 -33.01 -17.29 5.75
CA THR D 184 -32.13 -16.39 5.00
C THR D 184 -30.66 -16.67 5.29
N SER D 185 -30.35 -17.31 6.41
CA SER D 185 -28.98 -17.70 6.75
C SER D 185 -28.80 -19.15 6.30
N GLY D 186 -28.23 -19.32 5.10
CA GLY D 186 -27.99 -20.65 4.56
C GLY D 186 -28.66 -20.91 3.23
N VAL D 187 -28.92 -19.84 2.48
CA VAL D 187 -29.55 -19.94 1.16
C VAL D 187 -28.53 -19.48 0.13
N HIS D 188 -27.94 -20.44 -0.58
CA HIS D 188 -27.06 -20.16 -1.71
C HIS D 188 -27.82 -20.36 -3.01
N THR D 189 -27.56 -19.48 -3.98
CA THR D 189 -28.11 -19.59 -5.33
C THR D 189 -26.97 -19.31 -6.29
N PHE D 190 -26.25 -20.38 -6.67
CA PHE D 190 -25.11 -20.23 -7.56
C PHE D 190 -25.57 -19.50 -8.84
N PRO D 191 -24.93 -18.39 -9.22
CA PRO D 191 -25.57 -17.47 -10.18
C PRO D 191 -26.08 -18.14 -11.45
N ALA D 192 -25.20 -18.74 -12.25
CA ALA D 192 -25.63 -19.40 -13.48
C ALA D 192 -24.40 -19.95 -14.19
N VAL D 193 -24.66 -20.82 -15.17
CA VAL D 193 -23.65 -21.30 -16.11
C VAL D 193 -24.35 -21.71 -17.39
N LEU D 194 -23.68 -21.52 -18.51
CA LEU D 194 -24.23 -21.92 -19.80
C LEU D 194 -24.00 -23.41 -20.03
N GLN D 195 -24.79 -23.98 -20.94
CA GLN D 195 -24.70 -25.36 -21.34
C GLN D 195 -24.27 -25.44 -22.80
N SER D 196 -24.12 -26.68 -23.30
CA SER D 196 -23.75 -26.86 -24.69
C SER D 196 -24.79 -26.27 -25.63
N SER D 197 -26.08 -26.50 -25.33
CA SER D 197 -27.14 -25.94 -26.17
C SER D 197 -27.18 -24.43 -26.09
N GLY D 198 -27.05 -23.87 -24.88
CA GLY D 198 -27.06 -22.43 -24.71
C GLY D 198 -28.09 -21.95 -23.70
N LEU D 199 -28.56 -22.85 -22.85
CA LEU D 199 -29.53 -22.53 -21.81
C LEU D 199 -28.87 -22.58 -20.45
N TYR D 200 -29.06 -21.52 -19.67
CA TYR D 200 -28.39 -21.42 -18.37
C TYR D 200 -28.89 -22.51 -17.43
N SER D 201 -27.99 -22.96 -16.55
CA SER D 201 -28.31 -23.94 -15.52
C SER D 201 -28.09 -23.29 -14.17
N LEU D 202 -29.18 -22.89 -13.52
CA LEU D 202 -29.15 -22.25 -12.21
C LEU D 202 -29.68 -23.23 -11.16
N SER D 203 -28.84 -23.55 -10.18
CA SER D 203 -29.21 -24.50 -9.13
C SER D 203 -28.93 -23.86 -7.78
N SER D 204 -29.91 -23.95 -6.88
CA SER D 204 -29.76 -23.46 -5.52
C SER D 204 -29.72 -24.64 -4.55
N VAL D 205 -29.02 -24.45 -3.44
CA VAL D 205 -28.84 -25.48 -2.43
C VAL D 205 -28.94 -24.85 -1.05
N VAL D 206 -29.65 -25.52 -0.16
CA VAL D 206 -29.92 -25.01 1.18
C VAL D 206 -29.56 -26.09 2.18
N THR D 207 -29.21 -25.68 3.40
CA THR D 207 -28.97 -26.57 4.52
C THR D 207 -29.80 -26.11 5.70
N VAL D 208 -30.50 -27.05 6.34
CA VAL D 208 -31.40 -26.71 7.45
C VAL D 208 -31.48 -27.91 8.40
N PRO D 209 -30.98 -27.79 9.64
CA PRO D 209 -31.08 -28.93 10.59
C PRO D 209 -32.43 -28.98 11.31
N SER D 210 -33.44 -29.47 10.59
CA SER D 210 -34.80 -29.50 11.12
C SER D 210 -35.03 -30.73 11.99
N SER D 211 -34.24 -30.80 13.07
CA SER D 211 -34.35 -31.88 14.06
C SER D 211 -34.23 -33.26 13.39
N SER D 212 -33.34 -33.35 12.41
CA SER D 212 -33.05 -34.63 11.74
C SER D 212 -34.31 -35.24 11.14
N LEU D 213 -35.19 -34.40 10.60
CA LEU D 213 -36.42 -34.88 9.98
C LEU D 213 -37.08 -33.72 9.26
N GLY D 214 -37.73 -34.03 8.13
CA GLY D 214 -38.40 -33.02 7.35
C GLY D 214 -39.84 -32.80 7.78
N THR D 215 -40.08 -31.76 8.57
CA THR D 215 -41.42 -31.45 9.08
C THR D 215 -42.03 -30.23 8.42
N GLN D 216 -41.32 -29.11 8.39
CA GLN D 216 -41.82 -27.92 7.71
C GLN D 216 -41.93 -28.20 6.21
N THR D 217 -42.79 -27.42 5.55
CA THR D 217 -43.00 -27.56 4.11
C THR D 217 -41.83 -26.90 3.40
N TYR D 218 -40.75 -27.65 3.20
CA TYR D 218 -39.58 -27.15 2.49
C TYR D 218 -39.92 -27.15 1.00
N ILE D 219 -40.12 -25.96 0.43
CA ILE D 219 -40.45 -25.82 -0.98
C ILE D 219 -39.60 -24.70 -1.54
N CYS D 220 -38.87 -24.96 -2.61
CA CYS D 220 -38.04 -23.93 -3.23
C CYS D 220 -38.91 -23.10 -4.16
N ASN D 221 -39.03 -21.81 -3.87
CA ASN D 221 -39.85 -20.90 -4.64
C ASN D 221 -38.98 -20.27 -5.73
N VAL D 222 -39.22 -20.66 -6.98
CA VAL D 222 -38.49 -20.15 -8.13
C VAL D 222 -39.40 -19.17 -8.86
N ASN D 223 -38.88 -17.99 -9.16
CA ASN D 223 -39.61 -16.97 -9.89
C ASN D 223 -38.82 -16.55 -11.11
N HIS D 224 -39.52 -16.36 -12.23
CA HIS D 224 -38.90 -16.04 -13.52
C HIS D 224 -39.84 -15.10 -14.26
N LYS D 225 -39.55 -13.81 -14.21
CA LYS D 225 -40.48 -12.81 -14.75
C LYS D 225 -40.75 -13.02 -16.24
N PRO D 226 -39.75 -13.18 -17.11
CA PRO D 226 -40.06 -13.37 -18.53
C PRO D 226 -40.96 -14.56 -18.81
N SER D 227 -40.82 -15.65 -18.06
CA SER D 227 -41.63 -16.84 -18.28
C SER D 227 -43.01 -16.73 -17.65
N ASN D 228 -43.22 -15.78 -16.74
CA ASN D 228 -44.53 -15.55 -16.13
C ASN D 228 -45.09 -16.85 -15.52
N THR D 229 -44.20 -17.63 -14.91
CA THR D 229 -44.61 -18.86 -14.24
C THR D 229 -43.70 -19.10 -13.05
N LYS D 230 -44.30 -19.37 -11.89
CA LYS D 230 -43.58 -19.66 -10.66
C LYS D 230 -43.92 -21.07 -10.20
N VAL D 231 -42.89 -21.88 -9.97
CA VAL D 231 -43.06 -23.28 -9.58
C VAL D 231 -42.43 -23.44 -8.20
N ASP D 232 -43.23 -23.88 -7.24
CA ASP D 232 -42.76 -24.19 -5.89
C ASP D 232 -42.96 -25.68 -5.69
N LYS D 233 -41.99 -26.47 -6.12
CA LYS D 233 -42.08 -27.91 -6.04
C LYS D 233 -41.66 -28.38 -4.65
N ARG D 234 -42.45 -29.29 -4.09
CA ARG D 234 -42.15 -29.80 -2.75
C ARG D 234 -40.93 -30.71 -2.80
N VAL D 235 -40.07 -30.58 -1.79
CA VAL D 235 -38.88 -31.40 -1.67
C VAL D 235 -38.88 -32.04 -0.30
N GLU D 236 -38.59 -33.33 -0.25
CA GLU D 236 -38.62 -34.08 1.00
C GLU D 236 -37.88 -35.39 0.82
N PRO D 237 -37.52 -36.08 1.91
CA PRO D 237 -36.84 -37.38 1.75
C PRO D 237 -37.68 -38.33 0.91
N LYS D 238 -36.99 -39.09 0.04
CA LYS D 238 -37.65 -39.96 -0.92
C LYS D 238 -37.57 -41.41 -0.46
N SER D 239 -38.46 -42.22 -1.02
CA SER D 239 -38.41 -43.67 -0.84
C SER D 239 -37.38 -44.32 -1.77
N CYS D 240 -36.84 -43.59 -2.72
CA CYS D 240 -35.84 -44.09 -3.65
C CYS D 240 -34.92 -42.93 -4.02
N ASP D 241 -34.19 -43.08 -5.12
CA ASP D 241 -33.29 -42.02 -5.60
C ASP D 241 -32.21 -41.74 -4.57
N LYS D 242 -31.49 -42.79 -4.21
CA LYS D 242 -30.45 -42.69 -3.20
C LYS D 242 -29.31 -41.80 -3.68
N THR D 243 -28.74 -41.04 -2.76
CA THR D 243 -27.59 -40.19 -3.07
C THR D 243 -26.39 -40.59 -2.21
N SER E 21 -16.97 -6.65 -49.90
CA SER E 21 -16.69 -6.81 -48.44
C SER E 21 -17.73 -6.09 -47.61
N VAL E 22 -17.69 -6.31 -46.29
CA VAL E 22 -18.62 -5.62 -45.39
C VAL E 22 -18.39 -4.13 -45.52
N LEU E 23 -19.48 -3.37 -45.70
CA LEU E 23 -19.36 -1.95 -46.00
C LEU E 23 -18.64 -1.21 -44.89
N THR E 24 -19.26 -1.10 -43.72
CA THR E 24 -18.59 -0.46 -42.59
C THR E 24 -19.53 -0.44 -41.39
N GLN E 25 -18.94 -0.28 -40.21
CA GLN E 25 -19.65 0.14 -38.99
C GLN E 25 -18.81 1.29 -38.43
N SER E 26 -19.04 2.48 -38.97
CA SER E 26 -18.11 3.60 -38.82
C SER E 26 -18.20 4.29 -37.46
N PRO E 27 -19.38 4.75 -37.05
CA PRO E 27 -19.45 5.61 -35.86
C PRO E 27 -18.85 4.97 -34.62
N GLY E 28 -19.04 3.67 -34.43
CA GLY E 28 -18.52 2.98 -33.26
C GLY E 28 -19.13 3.47 -31.97
N THR E 39 -21.98 12.88 -36.71
CA THR E 39 -21.95 12.47 -38.11
C THR E 39 -21.71 10.96 -38.22
N LEU E 40 -22.73 10.23 -38.65
CA LEU E 40 -22.67 8.78 -38.78
C LEU E 40 -22.55 8.40 -40.25
N SER E 41 -21.62 7.49 -40.54
CA SER E 41 -21.41 6.98 -41.89
C SER E 41 -21.63 5.48 -41.90
N CYS E 42 -22.49 5.02 -42.81
CA CYS E 42 -22.80 3.60 -42.92
C CYS E 42 -22.26 3.02 -44.21
N SER E 47 -21.48 -2.89 -52.88
CA SER E 47 -22.42 -2.63 -53.97
C SER E 47 -22.87 -1.16 -53.95
N VAL E 48 -22.94 -0.56 -55.13
CA VAL E 48 -23.38 0.83 -55.22
C VAL E 48 -24.82 0.98 -54.74
N SER E 49 -25.61 -0.07 -54.86
CA SER E 49 -27.01 -0.05 -54.42
C SER E 49 -27.80 0.99 -55.20
N VAL E 53 -31.28 2.95 -49.24
CA VAL E 53 -30.77 3.01 -47.87
C VAL E 53 -31.72 3.83 -47.00
N ALA E 54 -31.82 3.46 -45.72
CA ALA E 54 -32.69 4.16 -44.80
C ALA E 54 -31.99 4.26 -43.44
N TRP E 55 -32.43 5.24 -42.65
CA TRP E 55 -31.88 5.51 -41.33
C TRP E 55 -33.00 5.48 -40.31
N TYR E 56 -32.78 4.78 -39.20
CA TYR E 56 -33.78 4.58 -38.16
C TYR E 56 -33.26 5.11 -36.83
N GLN E 57 -34.09 5.00 -35.80
CA GLN E 57 -33.75 5.49 -34.47
C GLN E 57 -34.57 4.73 -33.44
N GLN E 58 -33.90 4.03 -32.54
CA GLN E 58 -34.56 3.24 -31.50
C GLN E 58 -34.24 3.84 -30.13
N LYS E 59 -35.27 4.07 -29.34
CA LYS E 59 -35.12 4.57 -27.99
C LYS E 59 -34.88 3.41 -27.03
N PRO E 60 -34.49 3.70 -25.78
CA PRO E 60 -34.27 2.61 -24.82
C PRO E 60 -35.57 1.96 -24.36
N GLY E 61 -36.26 1.29 -25.28
CA GLY E 61 -37.50 0.61 -24.94
C GLY E 61 -38.58 0.78 -25.99
N GLN E 62 -38.55 1.89 -26.71
CA GLN E 62 -39.56 2.18 -27.72
C GLN E 62 -39.24 1.40 -28.99
N ALA E 63 -39.92 1.73 -30.09
CA ALA E 63 -39.74 1.06 -31.36
C ALA E 63 -39.00 1.96 -32.34
N PRO E 64 -38.19 1.39 -33.24
CA PRO E 64 -37.50 2.21 -34.23
C PRO E 64 -38.49 2.99 -35.09
N ARG E 65 -38.07 4.20 -35.46
CA ARG E 65 -38.89 5.10 -36.26
C ARG E 65 -38.18 5.43 -37.56
N LEU E 66 -38.99 5.73 -38.59
CA LEU E 66 -38.46 6.03 -39.91
C LEU E 66 -37.98 7.48 -39.94
N LEU E 67 -36.67 7.67 -40.05
CA LEU E 67 -36.08 9.01 -40.09
C LEU E 67 -35.76 9.43 -41.52
N ILE E 68 -34.93 8.66 -42.23
CA ILE E 68 -34.50 8.99 -43.58
C ILE E 68 -34.66 7.74 -44.44
N TYR E 69 -35.25 7.92 -45.62
CA TYR E 69 -35.37 6.87 -46.62
C TYR E 69 -34.78 7.36 -47.92
N ASP E 70 -33.98 6.51 -48.57
CA ASP E 70 -33.28 6.83 -49.81
C ASP E 70 -32.23 7.92 -49.62
N ALA E 71 -31.85 8.23 -48.38
CA ALA E 71 -30.85 9.25 -48.10
C ALA E 71 -31.25 10.58 -48.71
N ASP E 80 -35.50 18.87 -39.75
CA ASP E 80 -34.48 18.94 -40.78
C ASP E 80 -33.09 18.78 -40.19
N ARG E 81 -33.01 18.60 -38.87
CA ARG E 81 -31.71 18.46 -38.22
C ARG E 81 -30.99 17.21 -38.71
N PHE E 82 -31.71 16.10 -38.84
CA PHE E 82 -31.14 14.83 -39.30
C PHE E 82 -31.07 14.86 -40.83
N SER E 83 -30.08 15.60 -41.33
CA SER E 83 -29.86 15.74 -42.76
C SER E 83 -28.78 14.75 -43.19
N GLY E 84 -29.19 13.68 -43.89
CA GLY E 84 -28.28 12.67 -44.37
C GLY E 84 -28.04 12.78 -45.87
N GLY E 85 -27.18 11.90 -46.34
CA GLY E 85 -26.84 11.87 -47.75
C GLY E 85 -25.87 10.75 -48.05
N GLY E 86 -25.50 10.65 -49.32
CA GLY E 86 -24.57 9.64 -49.78
C GLY E 86 -24.36 9.65 -51.27
N THR E 89 -22.51 5.29 -52.33
CA THR E 89 -21.53 4.71 -51.43
C THR E 89 -21.12 5.73 -50.36
N ASP E 90 -20.82 5.24 -49.16
CA ASP E 90 -20.39 6.08 -48.05
C ASP E 90 -21.47 7.09 -47.69
N PHE E 91 -22.66 6.56 -47.36
CA PHE E 91 -23.75 7.41 -46.91
C PHE E 91 -23.44 8.01 -45.55
N THR E 92 -23.92 9.23 -45.33
CA THR E 92 -23.70 9.96 -44.10
C THR E 92 -25.03 10.37 -43.49
N LEU E 93 -25.13 10.25 -42.17
CA LEU E 93 -26.35 10.62 -41.45
C LEU E 93 -26.02 11.57 -40.30
N PRO E 100 -30.88 17.20 -25.98
CA PRO E 100 -30.89 16.08 -25.04
C PRO E 100 -31.83 14.97 -25.47
N GLU E 101 -32.90 15.32 -26.17
CA GLU E 101 -33.86 14.32 -26.65
C GLU E 101 -33.37 13.71 -27.96
N ASP E 102 -32.14 13.21 -27.95
CA ASP E 102 -31.57 12.58 -29.14
C ASP E 102 -30.86 11.27 -28.84
N PHE E 103 -30.64 10.91 -27.58
CA PHE E 103 -30.01 9.65 -27.27
C PHE E 103 -30.81 8.49 -27.86
N ALA E 104 -30.12 7.62 -28.59
CA ALA E 104 -30.76 6.50 -29.27
C ALA E 104 -29.66 5.64 -29.88
N VAL E 105 -30.08 4.56 -30.52
CA VAL E 105 -29.17 3.66 -31.24
C VAL E 105 -29.58 3.73 -32.70
N TYR E 106 -28.94 4.62 -33.46
CA TYR E 106 -29.28 4.79 -34.86
C TYR E 106 -28.90 3.54 -35.65
N TYR E 107 -29.76 3.16 -36.59
CA TYR E 107 -29.58 1.96 -37.40
C TYR E 107 -29.66 2.32 -38.88
N CYS E 108 -28.82 1.67 -39.67
CA CYS E 108 -28.76 1.88 -41.11
C CYS E 108 -28.99 0.56 -41.83
N GLN E 109 -29.74 0.60 -42.92
CA GLN E 109 -30.04 -0.59 -43.69
C GLN E 109 -30.27 -0.20 -45.14
N GLN E 110 -30.15 -1.19 -46.02
CA GLN E 110 -30.38 -1.02 -47.45
C GLN E 110 -31.51 -1.94 -47.87
N TYR E 111 -32.36 -1.45 -48.77
CA TYR E 111 -33.50 -2.22 -49.25
C TYR E 111 -33.51 -2.22 -50.77
N GLY E 112 -34.15 -3.24 -51.34
CA GLY E 112 -34.21 -3.42 -52.77
C GLY E 112 -34.01 -4.87 -53.19
N GLY E 113 -33.04 -5.11 -54.07
CA GLY E 113 -32.75 -6.47 -54.49
C GLY E 113 -31.95 -7.28 -53.48
N SER E 114 -31.23 -6.60 -52.57
CA SER E 114 -30.44 -7.26 -51.53
C SER E 114 -30.73 -6.57 -50.20
N PRO E 115 -31.94 -6.72 -49.67
CA PRO E 115 -32.29 -6.05 -48.41
C PRO E 115 -31.66 -6.76 -47.23
N PHE E 116 -30.85 -6.01 -46.47
CA PHE E 116 -30.21 -6.56 -45.28
C PHE E 116 -29.89 -5.42 -44.31
N PHE E 117 -29.91 -5.74 -43.03
CA PHE E 117 -29.65 -4.77 -41.98
C PHE E 117 -28.16 -4.63 -41.74
N GLY E 118 -27.80 -3.62 -40.94
CA GLY E 118 -26.42 -3.33 -40.63
C GLY E 118 -26.20 -3.28 -39.12
N GLY E 119 -25.40 -2.30 -38.69
CA GLY E 119 -25.09 -2.11 -37.29
C GLY E 119 -25.68 -0.83 -36.74
N THR E 121 -24.67 2.88 -33.70
CA THR E 121 -24.06 3.87 -32.81
C THR E 121 -24.90 4.04 -31.55
N LYS E 122 -24.40 4.85 -30.61
CA LYS E 122 -25.04 5.10 -29.33
C LYS E 122 -24.87 6.57 -28.96
N VAL E 123 -24.79 7.41 -29.98
CA VAL E 123 -24.34 8.78 -29.81
C VAL E 123 -25.49 9.65 -29.34
N GLU E 124 -25.15 10.79 -28.75
CA GLU E 124 -26.11 11.79 -28.31
C GLU E 124 -25.44 13.15 -28.46
N ILE E 125 -26.07 14.19 -27.93
CA ILE E 125 -25.52 15.54 -27.96
C ILE E 125 -25.65 16.15 -26.57
N LYS E 126 -24.55 16.74 -26.07
CA LYS E 126 -24.55 17.39 -24.77
C LYS E 126 -24.85 18.88 -24.91
N ARG E 127 -23.98 19.61 -25.62
CA ARG E 127 -24.14 21.02 -25.93
C ARG E 127 -24.26 21.90 -24.68
N THR E 128 -23.97 21.36 -23.50
CA THR E 128 -24.06 22.10 -22.25
C THR E 128 -22.69 22.13 -21.59
N VAL E 129 -22.24 23.34 -21.22
CA VAL E 129 -20.94 23.54 -20.59
C VAL E 129 -21.10 24.55 -19.47
N ALA E 130 -19.99 24.82 -18.77
CA ALA E 130 -19.92 25.85 -17.75
C ALA E 130 -18.68 26.69 -18.01
N ALA E 131 -18.85 28.02 -17.97
CA ALA E 131 -17.72 28.90 -18.24
C ALA E 131 -17.05 29.31 -16.94
N PRO E 132 -15.72 29.40 -16.91
CA PRO E 132 -15.04 29.74 -15.66
C PRO E 132 -15.23 31.20 -15.28
N SER E 133 -15.14 31.46 -13.98
CA SER E 133 -15.14 32.81 -13.44
C SER E 133 -13.84 33.05 -12.70
N VAL E 134 -13.31 34.27 -12.84
CA VAL E 134 -11.93 34.59 -12.47
C VAL E 134 -11.92 35.38 -11.16
N PHE E 135 -11.16 34.89 -10.18
CA PHE E 135 -10.93 35.57 -8.92
C PHE E 135 -9.44 35.57 -8.63
N ILE E 136 -8.88 36.75 -8.36
CA ILE E 136 -7.44 36.93 -8.22
C ILE E 136 -7.13 37.28 -6.76
N PHE E 137 -6.25 36.50 -6.14
CA PHE E 137 -5.84 36.74 -4.77
C PHE E 137 -4.42 37.31 -4.76
N PRO E 138 -4.23 38.56 -4.33
CA PRO E 138 -2.88 39.11 -4.21
C PRO E 138 -2.16 38.53 -3.01
N PRO E 139 -0.96 39.03 -2.71
CA PRO E 139 -0.24 38.56 -1.52
C PRO E 139 -0.60 39.34 -0.28
N SER E 140 -0.48 38.65 0.86
CA SER E 140 -0.81 39.27 2.14
C SER E 140 0.12 40.43 2.44
N ASP E 141 -0.41 41.46 3.09
CA ASP E 141 0.44 42.56 3.55
C ASP E 141 1.55 42.04 4.46
N GLU E 142 1.29 40.94 5.18
CA GLU E 142 2.33 40.28 5.95
C GLU E 142 3.27 39.46 5.08
N GLN E 143 2.81 39.02 3.90
CA GLN E 143 3.66 38.21 3.03
C GLN E 143 4.91 38.95 2.62
N LEU E 144 4.77 40.22 2.24
CA LEU E 144 5.94 41.00 1.84
C LEU E 144 6.93 41.12 2.99
N LYS E 145 6.44 41.35 4.21
CA LYS E 145 7.32 41.39 5.37
C LYS E 145 8.03 40.07 5.55
N SER E 146 7.32 38.96 5.38
CA SER E 146 7.95 37.64 5.47
C SER E 146 8.70 37.28 4.19
N GLY E 147 8.46 37.98 3.09
CA GLY E 147 9.10 37.68 1.83
C GLY E 147 8.43 36.53 1.11
N THR E 148 8.93 36.27 -0.10
CA THR E 148 8.44 35.17 -0.95
C THR E 148 6.94 35.33 -1.22
N ALA E 149 6.63 36.42 -1.93
CA ALA E 149 5.24 36.73 -2.22
C ALA E 149 4.63 35.69 -3.15
N SER E 150 3.32 35.52 -3.05
CA SER E 150 2.56 34.61 -3.89
C SER E 150 1.39 35.36 -4.51
N VAL E 151 1.06 34.99 -5.74
CA VAL E 151 -0.11 35.52 -6.43
C VAL E 151 -0.91 34.33 -6.93
N VAL E 152 -2.21 34.28 -6.59
CA VAL E 152 -3.02 33.11 -6.86
C VAL E 152 -4.14 33.48 -7.81
N CYS E 153 -4.30 32.67 -8.86
CA CYS E 153 -5.45 32.77 -9.75
C CYS E 153 -6.44 31.67 -9.39
N LEU E 154 -7.72 31.98 -9.47
CA LEU E 154 -8.78 31.07 -9.06
C LEU E 154 -9.86 31.08 -10.12
N LEU E 155 -10.27 29.88 -10.55
CA LEU E 155 -11.32 29.72 -11.54
C LEU E 155 -12.46 28.93 -10.94
N ASN E 156 -13.69 29.35 -11.21
CA ASN E 156 -14.87 28.70 -10.66
C ASN E 156 -15.84 28.28 -11.76
N ASN E 157 -16.39 27.07 -11.62
CA ASN E 157 -17.51 26.59 -12.42
C ASN E 157 -17.18 26.54 -13.91
N PHE E 158 -16.26 25.64 -14.25
CA PHE E 158 -16.04 25.24 -15.64
C PHE E 158 -16.26 23.75 -15.79
N TYR E 159 -16.97 23.36 -16.87
CA TYR E 159 -17.43 21.98 -17.04
C TYR E 159 -16.33 21.04 -17.53
N PRO E 160 -15.67 21.33 -18.66
CA PRO E 160 -14.63 20.40 -19.14
C PRO E 160 -13.32 20.63 -18.42
N ARG E 161 -12.66 19.54 -18.03
CA ARG E 161 -11.39 19.63 -17.33
C ARG E 161 -10.31 20.04 -18.33
N GLU E 162 -10.34 21.31 -18.74
CA GLU E 162 -9.40 21.81 -19.73
C GLU E 162 -9.38 23.32 -19.65
N ALA E 163 -8.21 23.91 -19.38
CA ALA E 163 -8.05 25.35 -19.37
C ALA E 163 -6.57 25.65 -19.21
N LYS E 164 -6.11 26.69 -19.91
CA LYS E 164 -4.73 27.13 -19.82
C LYS E 164 -4.68 28.58 -19.34
N VAL E 165 -3.77 28.86 -18.41
CA VAL E 165 -3.61 30.18 -17.82
C VAL E 165 -2.16 30.59 -17.99
N GLN E 166 -1.95 31.79 -18.55
CA GLN E 166 -0.62 32.30 -18.86
C GLN E 166 -0.28 33.41 -17.88
N TRP E 167 0.58 33.10 -16.91
CA TRP E 167 0.94 34.07 -15.86
C TRP E 167 1.91 35.08 -16.46
N LYS E 168 1.34 36.10 -17.08
CA LYS E 168 2.13 37.14 -17.72
C LYS E 168 2.58 38.19 -16.71
N VAL E 169 3.81 38.63 -16.84
CA VAL E 169 4.35 39.74 -16.07
C VAL E 169 4.69 40.86 -17.05
N ASP E 170 3.99 41.98 -16.94
CA ASP E 170 4.15 43.07 -17.88
C ASP E 170 3.95 42.55 -19.30
N ASN E 171 5.05 42.24 -19.99
CA ASN E 171 5.00 41.64 -21.31
C ASN E 171 5.78 40.32 -21.37
N ALA E 172 6.16 39.76 -20.23
CA ALA E 172 6.93 38.53 -20.17
C ALA E 172 6.03 37.38 -19.77
N LEU E 173 6.13 36.27 -20.52
CA LEU E 173 5.33 35.08 -20.23
C LEU E 173 6.10 34.17 -19.27
N GLN E 174 6.15 34.60 -18.02
CA GLN E 174 6.79 33.81 -16.99
C GLN E 174 6.11 32.45 -16.86
N SER E 175 6.90 31.39 -16.83
CA SER E 175 6.36 30.05 -16.65
C SER E 175 7.19 29.18 -15.72
N GLY E 176 8.29 29.69 -15.17
CA GLY E 176 9.13 28.85 -14.34
C GLY E 176 8.41 28.33 -13.11
N ASN E 177 7.70 29.21 -12.41
CA ASN E 177 7.00 28.86 -11.17
C ASN E 177 5.50 29.12 -11.38
N SER E 178 4.76 28.05 -11.68
CA SER E 178 3.31 28.15 -11.80
C SER E 178 2.74 26.75 -11.55
N GLN E 179 2.22 26.54 -10.35
CA GLN E 179 1.72 25.23 -9.93
C GLN E 179 0.20 25.26 -9.90
N GLU E 180 -0.42 24.26 -10.52
CA GLU E 180 -1.86 24.22 -10.70
C GLU E 180 -2.48 23.10 -9.89
N SER E 181 -3.66 23.35 -9.34
CA SER E 181 -4.45 22.34 -8.66
C SER E 181 -5.92 22.55 -9.00
N VAL E 182 -6.69 21.47 -8.88
CA VAL E 182 -8.10 21.50 -9.26
C VAL E 182 -8.91 20.67 -8.27
N THR E 183 -10.15 21.11 -8.03
CA THR E 183 -11.05 20.35 -7.19
C THR E 183 -11.37 19.01 -7.83
N GLU E 184 -11.53 17.98 -7.00
CA GLU E 184 -11.72 16.63 -7.51
C GLU E 184 -12.99 16.54 -8.35
N GLN E 185 -14.15 16.76 -7.73
CA GLN E 185 -15.41 16.67 -8.44
C GLN E 185 -16.49 17.31 -7.58
N ASP E 186 -17.52 17.83 -8.24
CA ASP E 186 -18.58 18.57 -7.56
C ASP E 186 -19.75 17.71 -7.13
N SER E 187 -19.70 16.39 -7.39
CA SER E 187 -20.73 15.41 -7.04
C SER E 187 -22.02 15.58 -7.82
N LYS E 188 -22.13 16.58 -8.69
CA LYS E 188 -23.32 16.76 -9.53
C LYS E 188 -22.99 17.02 -10.99
N ASP E 189 -21.76 17.41 -11.32
CA ASP E 189 -21.33 17.66 -12.69
C ASP E 189 -19.84 17.96 -12.63
N SER E 190 -19.19 17.92 -13.79
CA SER E 190 -17.74 18.10 -13.88
C SER E 190 -17.36 19.59 -13.78
N THR E 191 -17.82 20.22 -12.70
CA THR E 191 -17.56 21.64 -12.45
C THR E 191 -16.37 21.73 -11.49
N TYR E 192 -15.17 21.71 -12.05
CA TYR E 192 -13.96 21.84 -11.25
C TYR E 192 -13.56 23.30 -11.14
N SER E 193 -12.83 23.62 -10.07
CA SER E 193 -12.38 24.98 -9.79
C SER E 193 -10.86 24.99 -9.73
N LEU E 194 -10.24 25.88 -10.49
CA LEU E 194 -8.79 25.90 -10.65
C LEU E 194 -8.15 26.82 -9.62
N SER E 195 -6.94 26.45 -9.19
CA SER E 195 -6.12 27.28 -8.32
C SER E 195 -4.70 27.21 -8.86
N SER E 196 -4.22 28.30 -9.47
CA SER E 196 -2.89 28.36 -10.06
C SER E 196 -2.06 29.36 -9.25
N THR E 197 -1.08 28.84 -8.51
CA THR E 197 -0.21 29.66 -7.70
C THR E 197 1.05 30.03 -8.47
N LEU E 198 1.47 31.28 -8.33
CA LEU E 198 2.75 31.73 -8.87
C LEU E 198 3.52 32.41 -7.75
N THR E 199 4.72 31.91 -7.48
CA THR E 199 5.58 32.45 -6.42
C THR E 199 6.60 33.41 -7.02
N LEU E 200 7.08 34.34 -6.19
CA LEU E 200 8.14 35.23 -6.62
C LEU E 200 8.68 35.98 -5.42
N SER E 201 9.99 36.22 -5.41
CA SER E 201 10.64 36.83 -4.26
C SER E 201 10.27 38.31 -4.16
N LYS E 202 10.40 38.84 -2.94
CA LYS E 202 10.04 40.23 -2.68
C LYS E 202 10.85 41.18 -3.54
N ALA E 203 12.16 40.92 -3.68
CA ALA E 203 12.99 41.72 -4.57
C ALA E 203 12.46 41.64 -6.00
N ASP E 204 12.12 40.44 -6.45
CA ASP E 204 11.48 40.29 -7.76
C ASP E 204 10.09 40.90 -7.80
N TYR E 205 9.45 41.05 -6.64
CA TYR E 205 8.17 41.77 -6.60
C TYR E 205 8.37 43.24 -6.94
N GLU E 206 9.33 43.89 -6.29
CA GLU E 206 9.52 45.31 -6.54
C GLU E 206 10.04 45.52 -7.97
N LYS E 207 9.80 46.72 -8.49
CA LYS E 207 10.18 47.13 -9.83
C LYS E 207 9.32 46.48 -10.90
N HIS E 208 8.19 45.88 -10.53
CA HIS E 208 7.30 45.23 -11.46
C HIS E 208 5.86 45.56 -11.08
N LYS E 209 4.98 45.51 -12.07
CA LYS E 209 3.58 45.87 -11.88
C LYS E 209 2.76 45.16 -12.95
N VAL E 210 1.45 45.44 -12.95
CA VAL E 210 0.52 44.93 -13.95
C VAL E 210 0.78 43.46 -14.26
N TYR E 211 0.54 42.58 -13.30
CA TYR E 211 0.58 41.15 -13.58
C TYR E 211 -0.61 40.78 -14.45
N ALA E 212 -0.74 39.51 -14.78
CA ALA E 212 -1.93 39.09 -15.52
C ALA E 212 -2.03 37.57 -15.49
N CYS E 213 -3.27 37.08 -15.36
CA CYS E 213 -3.58 35.65 -15.42
C CYS E 213 -4.70 35.47 -16.44
N GLU E 214 -4.33 35.29 -17.70
CA GLU E 214 -5.31 35.08 -18.75
C GLU E 214 -5.90 33.68 -18.62
N VAL E 215 -7.06 33.49 -19.27
CA VAL E 215 -7.77 32.21 -19.24
C VAL E 215 -8.14 31.84 -20.67
N THR E 216 -7.80 30.61 -21.07
CA THR E 216 -8.25 30.04 -22.33
C THR E 216 -8.94 28.72 -22.01
N HIS E 217 -10.19 28.59 -22.42
CA HIS E 217 -11.00 27.45 -22.03
C HIS E 217 -12.01 27.15 -23.13
N GLN E 218 -12.49 25.90 -23.14
CA GLN E 218 -13.39 25.44 -24.20
C GLN E 218 -14.50 26.45 -24.45
N GLY E 219 -15.19 26.86 -23.38
CA GLY E 219 -16.11 27.97 -23.48
C GLY E 219 -15.35 29.28 -23.54
N LEU E 220 -14.61 29.48 -24.63
CA LEU E 220 -13.74 30.64 -24.74
C LEU E 220 -14.51 31.93 -24.50
N SER E 221 -15.62 32.13 -25.22
CA SER E 221 -16.40 33.36 -25.11
C SER E 221 -15.50 34.58 -25.21
N SER E 222 -14.48 34.49 -26.05
CA SER E 222 -13.46 35.51 -26.18
C SER E 222 -12.62 35.57 -24.91
N PRO E 223 -11.32 35.85 -25.01
CA PRO E 223 -10.49 35.90 -23.80
C PRO E 223 -10.91 37.03 -22.87
N VAL E 224 -10.80 36.77 -21.57
CA VAL E 224 -11.08 37.77 -20.54
C VAL E 224 -9.82 37.92 -19.69
N THR E 225 -9.39 39.15 -19.48
CA THR E 225 -8.13 39.45 -18.82
C THR E 225 -8.40 40.21 -17.52
N LYS E 226 -8.55 39.46 -16.43
CA LYS E 226 -8.65 40.05 -15.09
C LYS E 226 -7.24 40.16 -14.54
N SER E 227 -6.53 41.19 -15.02
CA SER E 227 -5.13 41.40 -14.69
C SER E 227 -5.01 42.19 -13.40
N PHE E 228 -4.24 41.66 -12.45
CA PHE E 228 -4.02 42.32 -11.17
C PHE E 228 -2.94 43.39 -11.38
N ASN E 229 -3.34 44.65 -11.34
CA ASN E 229 -2.46 45.78 -11.58
C ASN E 229 -2.20 46.52 -10.28
N ARG E 230 -1.41 47.58 -10.38
CA ARG E 230 -1.04 48.40 -9.23
C ARG E 230 -0.42 47.53 -8.13
N GLY E 231 0.71 46.92 -8.47
CA GLY E 231 1.41 46.02 -7.56
C GLY E 231 1.67 46.60 -6.19
N GLU E 232 1.64 47.92 -6.07
CA GLU E 232 1.84 48.61 -4.80
C GLU E 232 0.48 49.14 -4.33
N CYS E 233 -0.26 48.30 -3.62
CA CYS E 233 -1.54 48.68 -3.05
C CYS E 233 -2.08 47.58 -2.15
#